data_5EO7
#
_entry.id   5EO7
#
_cell.length_a   125.161
_cell.length_b   196.852
_cell.length_c   110.605
_cell.angle_alpha   90.000
_cell.angle_beta   90.000
_cell.angle_gamma   90.000
#
_symmetry.space_group_name_H-M   'C 2 2 21'
#
loop_
_entity.id
_entity.type
_entity.pdbx_description
1 polymer 'Predicted protein'
2 non-polymer 'methyl 1-seleno-alpha-L-fucopyranoside'
3 non-polymer 'SULFATE ION'
4 water water
#
_entity_poly.entity_id   1
_entity_poly.type   'polypeptide(L)'
_entity_poly.pdbx_seq_one_letter_code
;STPGAQEVLFRTGIAAVNSTNHLRVYFQDSHGSIRESLYESGWANGTAKNVIAKAKLGTPLAATSKELKNIRVYSLTEDN
VLQEAAYDSGSGWYNGALAGAKFTVAPYSRIGSVFLAGTNALQLRIYAQKTDNTIQEYMWNGDGWKEGTNLGVALPGTGI
GVTCWRYTDYDGPSIRVWFQTDNLKLVQRAYDPHTGWYKELTTIFDKAPPRCAIAATNFNPGKSSIYMRIYFVNSDNTIW
QVCWDHGQGYHDKRTITPVIQGSEIAIISWEGPELRLYFQNGTYVSAISEWTWGKAHGSQLGRRALPPAE
;
_entity_poly.pdbx_strand_id   A,B,C
#
loop_
_chem_comp.id
_chem_comp.type
_chem_comp.name
_chem_comp.formula
SFU L-saccharide 'methyl 1-seleno-alpha-L-fucopyranoside' 'C7 H14 O4 Se'
SO4 non-polymer 'SULFATE ION' 'O4 S -2'
#
# COMPACT_ATOMS: atom_id res chain seq x y z
N SER A 1 27.39 -16.32 -32.08
CA SER A 1 26.65 -17.58 -32.05
C SER A 1 27.58 -18.78 -31.90
N THR A 2 27.03 -19.97 -32.08
CA THR A 2 27.78 -21.22 -32.04
C THR A 2 27.26 -22.14 -33.14
N PRO A 3 28.11 -23.05 -33.65
CA PRO A 3 27.68 -23.97 -34.71
C PRO A 3 26.36 -24.67 -34.42
N GLY A 4 26.16 -25.05 -33.16
CA GLY A 4 24.93 -25.70 -32.76
C GLY A 4 23.74 -24.75 -32.86
N ALA A 5 23.93 -23.52 -32.39
CA ALA A 5 22.86 -22.53 -32.40
C ALA A 5 22.42 -22.21 -33.83
N GLN A 6 23.37 -22.23 -34.76
CA GLN A 6 23.09 -21.88 -36.15
C GLN A 6 22.14 -22.85 -36.82
N GLU A 7 22.06 -24.06 -36.27
CA GLU A 7 21.18 -25.08 -36.81
C GLU A 7 19.72 -24.76 -36.50
N VAL A 8 19.48 -23.97 -35.47
CA VAL A 8 18.11 -23.62 -35.06
C VAL A 8 17.54 -22.53 -35.96
N LEU A 9 16.38 -22.80 -36.55
CA LEU A 9 15.73 -21.85 -37.43
C LEU A 9 15.32 -20.60 -36.66
N PHE A 10 15.63 -19.44 -37.24
CA PHE A 10 15.23 -18.17 -36.66
C PHE A 10 13.71 -18.07 -36.71
N ARG A 11 13.12 -17.71 -35.57
CA ARG A 11 11.66 -17.62 -35.44
C ARG A 11 11.01 -18.98 -35.67
N THR A 12 11.72 -20.04 -35.31
CA THR A 12 11.18 -21.39 -35.36
C THR A 12 9.95 -21.52 -34.49
N GLY A 13 9.06 -22.43 -34.88
CA GLY A 13 7.97 -22.82 -34.01
C GLY A 13 8.57 -23.55 -32.82
N ILE A 14 7.88 -23.49 -31.68
CA ILE A 14 8.36 -24.14 -30.47
C ILE A 14 7.19 -24.81 -29.76
N ALA A 15 7.44 -26.02 -29.26
CA ALA A 15 6.46 -26.75 -28.47
C ALA A 15 7.17 -27.54 -27.39
N ALA A 16 6.46 -27.81 -26.30
CA ALA A 16 7.06 -28.52 -25.17
C ALA A 16 6.04 -29.34 -24.41
N VAL A 17 6.50 -30.48 -23.89
CA VAL A 17 5.70 -31.33 -23.02
C VAL A 17 6.51 -31.72 -21.79
N ASN A 18 5.87 -32.30 -20.79
CA ASN A 18 6.55 -32.66 -19.57
C ASN A 18 5.77 -33.60 -18.67
N SER A 19 6.52 -34.25 -17.78
CA SER A 19 5.95 -34.92 -16.62
C SER A 19 6.71 -34.38 -15.41
N THR A 20 6.07 -33.45 -14.70
CA THR A 20 6.76 -32.63 -13.71
C THR A 20 8.03 -32.03 -14.34
N ASN A 21 9.19 -32.24 -13.70
CA ASN A 21 10.42 -31.62 -14.20
C ASN A 21 11.21 -32.50 -15.18
N HIS A 22 10.55 -33.49 -15.78
CA HIS A 22 11.11 -34.21 -16.93
C HIS A 22 10.55 -33.59 -18.20
N LEU A 23 11.41 -32.95 -18.98
CA LEU A 23 10.95 -32.05 -20.03
C LEU A 23 11.38 -32.49 -21.44
N ARG A 24 10.52 -32.19 -22.41
CA ARG A 24 10.86 -32.33 -23.82
C ARG A 24 10.48 -31.03 -24.54
N VAL A 25 11.38 -30.54 -25.38
CA VAL A 25 11.13 -29.33 -26.17
C VAL A 25 11.35 -29.63 -27.64
N TYR A 26 10.41 -29.22 -28.48
CA TYR A 26 10.47 -29.47 -29.92
C TYR A 26 10.61 -28.16 -30.69
N PHE A 27 11.40 -28.20 -31.76
CA PHE A 27 11.67 -27.03 -32.59
C PHE A 27 12.10 -27.47 -33.99
N GLN A 28 12.22 -26.51 -34.90
CA GLN A 28 12.60 -26.79 -36.28
C GLN A 28 14.01 -26.28 -36.58
N ASP A 29 14.81 -27.08 -37.27
CA ASP A 29 16.15 -26.65 -37.65
C ASP A 29 16.11 -25.98 -39.02
N SER A 30 17.24 -25.46 -39.47
CA SER A 30 17.28 -24.63 -40.66
C SER A 30 17.01 -25.42 -41.96
N HIS A 31 16.96 -26.74 -41.87
CA HIS A 31 16.70 -27.58 -43.05
C HIS A 31 15.29 -28.18 -43.04
N GLY A 32 14.47 -27.77 -42.07
CA GLY A 32 13.07 -28.15 -42.03
C GLY A 32 12.74 -29.29 -41.09
N SER A 33 13.76 -29.96 -40.55
CA SER A 33 13.52 -31.10 -39.69
C SER A 33 13.17 -30.70 -38.26
N ILE A 34 12.22 -31.42 -37.66
CA ILE A 34 11.78 -31.16 -36.30
C ILE A 34 12.61 -32.00 -35.33
N ARG A 35 13.29 -31.31 -34.41
CA ARG A 35 14.19 -31.96 -33.46
C ARG A 35 13.64 -31.95 -32.03
N GLU A 36 14.16 -32.85 -31.21
CA GLU A 36 13.79 -32.93 -29.80
C GLU A 36 15.01 -32.76 -28.90
N SER A 37 14.95 -31.75 -28.04
CA SER A 37 15.87 -31.63 -26.91
C SER A 37 15.12 -32.08 -25.66
N LEU A 38 15.84 -32.59 -24.66
CA LEU A 38 15.19 -33.07 -23.44
C LEU A 38 15.89 -32.58 -22.18
N TYR A 39 15.19 -32.67 -21.07
CA TYR A 39 15.76 -32.41 -19.77
C TYR A 39 15.46 -33.59 -18.85
N GLU A 40 16.51 -34.29 -18.44
CA GLU A 40 16.40 -35.35 -17.47
C GLU A 40 17.53 -35.17 -16.46
N SER A 41 17.30 -34.26 -15.50
CA SER A 41 18.35 -33.83 -14.59
C SER A 41 19.53 -33.31 -15.40
N GLY A 42 19.22 -32.51 -16.43
CA GLY A 42 20.24 -31.99 -17.33
C GLY A 42 19.75 -31.96 -18.76
N TRP A 43 20.17 -30.95 -19.51
CA TRP A 43 19.76 -30.78 -20.90
C TRP A 43 20.64 -31.60 -21.85
N ALA A 44 20.05 -32.06 -22.95
CA ALA A 44 20.75 -32.89 -23.91
C ALA A 44 20.10 -32.90 -25.29
N ASN A 45 20.80 -33.49 -26.25
CA ASN A 45 20.27 -33.79 -27.57
C ASN A 45 19.95 -32.55 -28.40
N GLY A 46 18.84 -32.55 -29.14
CA GLY A 46 18.52 -31.47 -30.06
C GLY A 46 19.38 -31.47 -31.30
N THR A 47 20.04 -32.60 -31.59
CA THR A 47 20.95 -32.70 -32.72
C THR A 47 20.25 -33.29 -33.95
N ALA A 48 21.00 -33.41 -35.04
CA ALA A 48 20.47 -33.98 -36.27
C ALA A 48 20.09 -35.45 -36.08
N LYS A 49 20.61 -36.07 -35.01
CA LYS A 49 20.27 -37.45 -34.69
C LYS A 49 19.02 -37.53 -33.81
N ASN A 50 18.35 -36.40 -33.63
CA ASN A 50 17.18 -36.33 -32.77
C ASN A 50 15.96 -35.80 -33.52
N VAL A 51 15.87 -36.15 -34.79
CA VAL A 51 14.76 -35.72 -35.64
C VAL A 51 13.56 -36.66 -35.49
N ILE A 52 12.37 -36.10 -35.26
CA ILE A 52 11.16 -36.90 -35.12
C ILE A 52 10.20 -36.70 -36.28
N ALA A 53 10.43 -35.66 -37.07
CA ALA A 53 9.59 -35.39 -38.23
C ALA A 53 10.25 -34.38 -39.16
N LYS A 54 9.66 -34.20 -40.33
CA LYS A 54 10.08 -33.17 -41.29
C LYS A 54 8.84 -32.41 -41.72
N ALA A 55 8.96 -31.09 -41.81
CA ALA A 55 7.83 -30.22 -42.08
C ALA A 55 8.28 -29.05 -42.93
N LYS A 56 7.34 -28.26 -43.44
CA LYS A 56 7.72 -27.11 -44.25
C LYS A 56 8.42 -26.08 -43.38
N LEU A 57 9.29 -25.29 -44.00
CA LEU A 57 10.00 -24.22 -43.31
C LEU A 57 9.03 -23.24 -42.68
N GLY A 58 9.26 -22.90 -41.42
CA GLY A 58 8.41 -21.96 -40.70
C GLY A 58 7.09 -22.59 -40.30
N THR A 59 7.03 -23.91 -40.24
CA THR A 59 5.82 -24.60 -39.80
C THR A 59 5.44 -24.19 -38.39
N PRO A 60 4.13 -24.19 -38.09
CA PRO A 60 3.76 -24.11 -36.68
C PRO A 60 4.13 -25.42 -35.98
N LEU A 61 4.26 -25.38 -34.67
CA LEU A 61 4.49 -26.57 -33.89
C LEU A 61 3.55 -26.58 -32.70
N ALA A 62 3.02 -27.75 -32.41
CA ALA A 62 2.19 -27.95 -31.24
C ALA A 62 2.49 -29.33 -30.69
N ALA A 63 2.35 -29.48 -29.39
CA ALA A 63 2.61 -30.77 -28.77
C ALA A 63 1.81 -30.92 -27.48
N THR A 64 1.44 -32.16 -27.20
CA THR A 64 0.70 -32.50 -26.00
C THR A 64 1.10 -33.91 -25.59
N SER A 65 0.90 -34.24 -24.32
CA SER A 65 1.33 -35.53 -23.81
C SER A 65 0.52 -35.99 -22.62
N LYS A 66 0.55 -37.29 -22.37
CA LYS A 66 0.07 -37.86 -21.11
C LYS A 66 1.30 -38.28 -20.33
N GLU A 67 1.77 -37.40 -19.45
CA GLU A 67 3.06 -37.55 -18.82
C GLU A 67 4.08 -37.66 -19.95
N LEU A 68 4.95 -38.67 -19.92
CA LEU A 68 5.86 -38.92 -21.04
C LEU A 68 5.67 -40.33 -21.60
N LYS A 69 4.51 -40.92 -21.34
CA LYS A 69 4.15 -42.21 -21.92
C LYS A 69 3.69 -42.05 -23.36
N ASN A 70 2.83 -41.06 -23.58
CA ASN A 70 2.32 -40.77 -24.92
C ASN A 70 2.58 -39.32 -25.27
N ILE A 71 3.22 -39.10 -26.42
CA ILE A 71 3.51 -37.76 -26.89
C ILE A 71 3.07 -37.61 -28.33
N ARG A 72 2.48 -36.46 -28.64
CA ARG A 72 2.08 -36.13 -30.00
C ARG A 72 2.59 -34.74 -30.36
N VAL A 73 3.22 -34.63 -31.52
CA VAL A 73 3.79 -33.38 -31.99
C VAL A 73 3.26 -33.09 -33.40
N TYR A 74 2.62 -31.93 -33.56
CA TYR A 74 1.94 -31.59 -34.79
C TYR A 74 2.63 -30.50 -35.60
N SER A 75 2.61 -30.65 -36.92
CA SER A 75 3.21 -29.68 -37.83
C SER A 75 2.50 -29.71 -39.18
N LEU A 76 3.01 -28.91 -40.12
CA LEU A 76 2.43 -28.80 -41.45
C LEU A 76 3.36 -29.37 -42.52
N THR A 77 2.80 -30.10 -43.48
CA THR A 77 3.56 -30.53 -44.64
C THR A 77 3.68 -29.34 -45.58
N GLU A 78 4.39 -29.55 -46.70
CA GLU A 78 4.57 -28.49 -47.68
C GLU A 78 3.28 -28.23 -48.46
N ASP A 79 2.30 -29.12 -48.31
CA ASP A 79 0.98 -28.94 -48.90
C ASP A 79 -0.01 -28.47 -47.84
N ASN A 80 0.52 -28.08 -46.68
CA ASN A 80 -0.28 -27.50 -45.61
C ASN A 80 -1.34 -28.47 -45.10
N VAL A 81 -0.95 -29.75 -45.04
CA VAL A 81 -1.74 -30.79 -44.41
C VAL A 81 -1.23 -31.00 -42.98
N LEU A 82 -2.15 -31.06 -42.03
CA LEU A 82 -1.79 -31.36 -40.64
C LEU A 82 -1.20 -32.76 -40.55
N GLN A 83 0.00 -32.87 -39.98
CA GLN A 83 0.63 -34.16 -39.75
C GLN A 83 1.00 -34.31 -38.27
N GLU A 84 1.27 -35.54 -37.86
CA GLU A 84 1.45 -35.87 -36.46
C GLU A 84 2.60 -36.85 -36.27
N ALA A 85 3.58 -36.45 -35.46
CA ALA A 85 4.62 -37.35 -34.98
C ALA A 85 4.17 -37.89 -33.63
N ALA A 86 4.18 -39.21 -33.49
CA ALA A 86 3.65 -39.87 -32.30
C ALA A 86 4.71 -40.69 -31.57
N TYR A 87 4.76 -40.52 -30.25
CA TYR A 87 5.58 -41.37 -29.40
C TYR A 87 4.71 -42.12 -28.42
N ASP A 88 4.89 -43.44 -28.37
CA ASP A 88 4.27 -44.26 -27.34
C ASP A 88 5.35 -45.06 -26.62
N SER A 89 5.31 -45.03 -25.29
CA SER A 89 6.22 -45.81 -24.48
C SER A 89 6.16 -47.29 -24.84
N GLY A 90 7.29 -47.84 -25.25
CA GLY A 90 7.39 -49.25 -25.62
C GLY A 90 7.39 -49.46 -27.13
N SER A 91 7.11 -48.39 -27.88
CA SER A 91 7.05 -48.46 -29.34
C SER A 91 7.88 -47.37 -30.00
N GLY A 92 8.19 -46.31 -29.25
CA GLY A 92 9.01 -45.23 -29.75
C GLY A 92 8.26 -44.32 -30.71
N TRP A 93 9.02 -43.65 -31.58
CA TRP A 93 8.45 -42.67 -32.50
C TRP A 93 7.95 -43.26 -33.81
N TYR A 94 6.81 -42.75 -34.28
CA TYR A 94 6.25 -43.18 -35.54
C TYR A 94 5.33 -42.11 -36.13
N ASN A 95 5.00 -42.24 -37.41
CA ASN A 95 4.05 -41.34 -38.05
C ASN A 95 2.64 -41.64 -37.56
N GLY A 96 1.97 -40.61 -37.05
CA GLY A 96 0.61 -40.74 -36.59
C GLY A 96 -0.36 -40.77 -37.75
N ALA A 97 -1.61 -41.13 -37.47
CA ALA A 97 -2.61 -41.32 -38.51
C ALA A 97 -3.22 -40.01 -39.03
N LEU A 98 -2.88 -38.89 -38.41
CA LEU A 98 -3.52 -37.61 -38.73
C LEU A 98 -3.40 -37.24 -40.21
N ALA A 99 -2.19 -37.32 -40.74
CA ALA A 99 -1.96 -36.95 -42.14
C ALA A 99 -2.84 -37.76 -43.09
N GLY A 100 -3.18 -38.98 -42.67
CA GLY A 100 -4.03 -39.85 -43.46
C GLY A 100 -5.41 -39.26 -43.68
N ALA A 101 -5.87 -38.46 -42.72
CA ALA A 101 -7.20 -37.84 -42.83
C ALA A 101 -7.19 -36.69 -43.83
N LYS A 102 -6.00 -36.24 -44.22
CA LYS A 102 -5.83 -35.23 -45.27
C LYS A 102 -6.59 -33.94 -44.95
N PHE A 103 -6.38 -33.43 -43.74
CA PHE A 103 -6.91 -32.12 -43.33
C PHE A 103 -6.00 -31.00 -43.82
N THR A 104 -6.45 -30.26 -44.83
CA THR A 104 -5.71 -29.11 -45.34
C THR A 104 -6.14 -27.83 -44.63
N VAL A 105 -5.15 -27.04 -44.21
CA VAL A 105 -5.39 -25.79 -43.51
C VAL A 105 -4.75 -24.62 -44.27
N ALA A 106 -4.94 -23.41 -43.76
CA ALA A 106 -4.33 -22.24 -44.36
C ALA A 106 -2.80 -22.33 -44.27
N PRO A 107 -2.09 -21.77 -45.27
CA PRO A 107 -0.62 -21.80 -45.23
C PRO A 107 -0.04 -21.16 -43.98
N TYR A 108 -0.72 -20.15 -43.46
CA TYR A 108 -0.25 -19.38 -42.32
C TYR A 108 -0.87 -19.89 -41.02
N SER A 109 -1.59 -21.00 -41.08
CA SER A 109 -2.25 -21.54 -39.90
C SER A 109 -1.26 -21.89 -38.81
N ARG A 110 -1.72 -21.74 -37.56
CA ARG A 110 -0.99 -22.26 -36.42
C ARG A 110 -1.71 -23.51 -35.94
N ILE A 111 -1.17 -24.15 -34.90
CA ILE A 111 -1.80 -25.35 -34.35
C ILE A 111 -1.79 -25.33 -32.84
N GLY A 112 -2.87 -25.83 -32.25
CA GLY A 112 -2.95 -26.10 -30.83
C GLY A 112 -3.35 -27.55 -30.65
N SER A 113 -2.96 -28.14 -29.53
CA SER A 113 -3.20 -29.55 -29.30
C SER A 113 -3.32 -29.87 -27.82
N VAL A 114 -4.31 -30.68 -27.47
CA VAL A 114 -4.48 -31.14 -26.10
C VAL A 114 -5.01 -32.57 -26.03
N PHE A 115 -4.41 -33.36 -25.16
CA PHE A 115 -5.05 -34.59 -24.73
C PHE A 115 -6.17 -34.18 -23.79
N LEU A 116 -7.32 -34.86 -23.87
CA LEU A 116 -8.40 -34.57 -22.95
C LEU A 116 -8.08 -35.14 -21.59
N ALA A 117 -8.13 -34.28 -20.57
CA ALA A 117 -7.80 -34.67 -19.22
C ALA A 117 -8.97 -35.39 -18.55
N GLY A 118 -8.67 -36.11 -17.48
CA GLY A 118 -9.69 -36.75 -16.68
C GLY A 118 -9.95 -38.20 -17.02
N THR A 119 -9.36 -38.67 -18.12
CA THR A 119 -9.55 -40.05 -18.55
C THR A 119 -8.23 -40.70 -18.96
N ASN A 120 -8.14 -42.01 -18.73
CA ASN A 120 -6.95 -42.77 -19.11
C ASN A 120 -6.97 -43.14 -20.59
N ALA A 121 -8.14 -43.00 -21.21
CA ALA A 121 -8.27 -43.23 -22.64
C ALA A 121 -7.58 -42.10 -23.40
N LEU A 122 -7.10 -42.40 -24.60
CA LEU A 122 -6.34 -41.44 -25.38
C LEU A 122 -7.23 -40.65 -26.33
N GLN A 123 -7.71 -39.50 -25.86
CA GLN A 123 -8.53 -38.61 -26.65
C GLN A 123 -7.79 -37.31 -26.94
N LEU A 124 -7.85 -36.89 -28.20
CA LEU A 124 -7.13 -35.69 -28.65
C LEU A 124 -8.07 -34.67 -29.28
N ARG A 125 -7.80 -33.40 -29.02
CA ARG A 125 -8.42 -32.30 -29.74
C ARG A 125 -7.31 -31.39 -30.24
N ILE A 126 -7.32 -31.09 -31.53
CA ILE A 126 -6.35 -30.18 -32.11
C ILE A 126 -7.07 -29.08 -32.86
N TYR A 127 -6.46 -27.90 -32.89
CA TYR A 127 -7.10 -26.72 -33.46
C TYR A 127 -6.20 -26.05 -34.50
N ALA A 128 -6.78 -25.71 -35.64
CA ALA A 128 -6.03 -25.07 -36.72
C ALA A 128 -6.93 -24.10 -37.47
N GLN A 129 -6.33 -23.30 -38.34
CA GLN A 129 -7.07 -22.29 -39.10
C GLN A 129 -7.23 -22.70 -40.55
N LYS A 130 -8.47 -22.90 -40.97
CA LYS A 130 -8.77 -23.28 -42.35
C LYS A 130 -8.63 -22.08 -43.29
N THR A 131 -8.81 -22.33 -44.58
CA THR A 131 -8.59 -21.31 -45.59
C THR A 131 -9.64 -20.19 -45.53
N ASP A 132 -10.73 -20.42 -44.80
CA ASP A 132 -11.74 -19.37 -44.57
C ASP A 132 -11.48 -18.66 -43.24
N ASN A 133 -10.29 -18.90 -42.68
CA ASN A 133 -9.82 -18.26 -41.44
C ASN A 133 -10.58 -18.63 -40.18
N THR A 134 -11.44 -19.63 -40.27
CA THR A 134 -12.13 -20.12 -39.08
C THR A 134 -11.26 -21.14 -38.36
N ILE A 135 -11.36 -21.16 -37.04
CA ILE A 135 -10.60 -22.10 -36.21
C ILE A 135 -11.36 -23.40 -36.09
N GLN A 136 -10.86 -24.43 -36.77
CA GLN A 136 -11.50 -25.74 -36.79
C GLN A 136 -10.93 -26.66 -35.73
N GLU A 137 -11.81 -27.39 -35.06
CA GLU A 137 -11.42 -28.46 -34.15
C GLU A 137 -11.38 -29.78 -34.90
N TYR A 138 -10.33 -30.57 -34.67
CA TYR A 138 -10.22 -31.92 -35.20
C TYR A 138 -10.03 -32.85 -34.02
N MET A 139 -10.65 -34.03 -34.05
CA MET A 139 -10.67 -34.91 -32.89
C MET A 139 -10.29 -36.35 -33.16
N TRP A 140 -9.71 -36.95 -32.13
CA TRP A 140 -9.46 -38.38 -32.09
C TRP A 140 -10.11 -38.94 -30.83
N ASN A 141 -10.94 -39.96 -30.98
CA ASN A 141 -11.62 -40.57 -29.85
C ASN A 141 -11.52 -42.10 -29.85
N GLY A 142 -10.66 -42.64 -30.70
CA GLY A 142 -10.39 -44.08 -30.70
C GLY A 142 -10.35 -44.72 -32.07
N ASP A 143 -11.28 -44.34 -32.95
CA ASP A 143 -11.30 -44.87 -34.31
C ASP A 143 -11.45 -43.76 -35.35
N GLY A 144 -10.35 -43.07 -35.62
CA GLY A 144 -10.25 -42.17 -36.76
C GLY A 144 -10.38 -40.70 -36.42
N TRP A 145 -9.78 -39.87 -37.27
CA TRP A 145 -9.82 -38.43 -37.09
C TRP A 145 -11.07 -37.83 -37.74
N LYS A 146 -11.76 -36.96 -37.01
CA LYS A 146 -12.96 -36.30 -37.52
C LYS A 146 -12.90 -34.80 -37.26
N GLU A 147 -13.54 -34.03 -38.12
CA GLU A 147 -13.72 -32.62 -37.84
C GLU A 147 -14.72 -32.50 -36.70
N GLY A 148 -14.46 -31.54 -35.81
CA GLY A 148 -15.32 -31.28 -34.67
C GLY A 148 -16.05 -29.98 -34.81
N THR A 149 -16.07 -29.23 -33.71
CA THR A 149 -16.73 -27.94 -33.68
C THR A 149 -15.86 -26.89 -34.34
N ASN A 150 -16.50 -25.98 -35.07
CA ASN A 150 -15.82 -24.81 -35.62
C ASN A 150 -16.02 -23.62 -34.70
N LEU A 151 -14.92 -22.93 -34.38
CA LEU A 151 -14.93 -21.89 -33.37
C LEU A 151 -15.00 -20.47 -33.94
N GLY A 152 -15.22 -20.37 -35.25
CA GLY A 152 -15.50 -19.08 -35.86
C GLY A 152 -14.27 -18.38 -36.41
N VAL A 153 -14.49 -17.18 -36.96
CA VAL A 153 -13.46 -16.46 -37.70
C VAL A 153 -12.41 -15.83 -36.79
N ALA A 154 -11.15 -16.04 -37.14
CA ALA A 154 -10.02 -15.45 -36.42
C ALA A 154 -9.14 -14.70 -37.41
N LEU A 155 -8.24 -13.87 -36.89
CA LEU A 155 -7.29 -13.16 -37.75
C LEU A 155 -6.47 -14.16 -38.58
N PRO A 156 -6.18 -13.81 -39.85
CA PRO A 156 -5.31 -14.65 -40.67
C PRO A 156 -3.90 -14.82 -40.07
N GLY A 157 -3.55 -16.04 -39.68
CA GLY A 157 -2.24 -16.32 -39.13
C GLY A 157 -2.19 -16.13 -37.64
N THR A 158 -3.36 -16.02 -37.02
CA THR A 158 -3.47 -15.89 -35.58
C THR A 158 -2.68 -16.98 -34.85
N GLY A 159 -2.12 -16.63 -33.70
CA GLY A 159 -1.58 -17.62 -32.80
C GLY A 159 -2.73 -18.40 -32.22
N ILE A 160 -2.46 -19.62 -31.76
CA ILE A 160 -3.49 -20.45 -31.16
C ILE A 160 -2.99 -21.04 -29.86
N GLY A 161 -3.62 -20.64 -28.77
CA GLY A 161 -3.32 -21.19 -27.46
C GLY A 161 -4.46 -22.10 -27.02
N VAL A 162 -4.12 -23.16 -26.30
CA VAL A 162 -5.12 -24.10 -25.83
C VAL A 162 -4.63 -24.83 -24.59
N THR A 163 -5.53 -25.03 -23.63
CA THR A 163 -5.23 -25.77 -22.42
C THR A 163 -6.46 -26.58 -22.03
N CYS A 164 -6.26 -27.61 -21.21
CA CYS A 164 -7.34 -28.53 -20.86
C CYS A 164 -7.12 -29.11 -19.46
N TRP A 165 -8.21 -29.25 -18.72
CA TRP A 165 -8.19 -29.79 -17.36
C TRP A 165 -9.54 -30.41 -17.03
N ARG A 166 -9.64 -31.02 -15.85
CA ARG A 166 -10.91 -31.55 -15.38
C ARG A 166 -11.22 -31.09 -13.97
N TYR A 167 -12.31 -30.34 -13.83
CA TYR A 167 -12.85 -30.01 -12.52
C TYR A 167 -13.20 -31.30 -11.77
N THR A 168 -12.86 -31.35 -10.49
CA THR A 168 -13.17 -32.52 -9.67
C THR A 168 -14.68 -32.77 -9.58
N ASP A 169 -15.46 -31.69 -9.49
CA ASP A 169 -16.92 -31.80 -9.35
C ASP A 169 -17.62 -32.35 -10.60
N TYR A 170 -17.05 -32.06 -11.77
CA TYR A 170 -17.66 -32.39 -13.06
C TYR A 170 -17.09 -33.66 -13.67
N ASP A 171 -17.84 -34.32 -14.55
CA ASP A 171 -17.39 -35.56 -15.16
C ASP A 171 -17.13 -35.33 -16.66
N GLY A 172 -16.03 -34.64 -16.96
CA GLY A 172 -15.65 -34.37 -18.34
C GLY A 172 -14.63 -33.26 -18.39
N PRO A 173 -13.92 -33.14 -19.52
CA PRO A 173 -12.87 -32.15 -19.65
C PRO A 173 -13.39 -30.74 -19.87
N SER A 174 -12.67 -29.76 -19.34
CA SER A 174 -12.88 -28.37 -19.68
C SER A 174 -11.77 -27.95 -20.64
N ILE A 175 -12.13 -27.15 -21.63
CA ILE A 175 -11.18 -26.71 -22.65
C ILE A 175 -11.28 -25.21 -22.82
N ARG A 176 -10.13 -24.55 -22.96
CA ARG A 176 -10.07 -23.13 -23.26
C ARG A 176 -9.17 -22.93 -24.47
N VAL A 177 -9.61 -22.09 -25.40
CA VAL A 177 -8.86 -21.81 -26.61
C VAL A 177 -8.70 -20.31 -26.76
N TRP A 178 -7.48 -19.87 -27.07
CA TRP A 178 -7.20 -18.45 -27.25
C TRP A 178 -6.67 -18.16 -28.64
N PHE A 179 -7.19 -17.10 -29.26
CA PHE A 179 -6.69 -16.65 -30.54
C PHE A 179 -6.96 -15.15 -30.73
N GLN A 180 -6.50 -14.62 -31.86
CA GLN A 180 -6.63 -13.21 -32.18
C GLN A 180 -7.67 -12.97 -33.28
N THR A 181 -8.60 -12.06 -33.03
CA THR A 181 -9.65 -11.73 -34.01
C THR A 181 -9.23 -10.57 -34.92
N ASP A 182 -10.08 -10.23 -35.87
CA ASP A 182 -9.76 -9.22 -36.89
C ASP A 182 -9.47 -7.85 -36.29
N ASN A 183 -10.08 -7.54 -35.14
CA ASN A 183 -9.83 -6.28 -34.46
C ASN A 183 -8.55 -6.33 -33.62
N LEU A 184 -7.72 -7.34 -33.87
CA LEU A 184 -6.42 -7.51 -33.23
C LEU A 184 -6.52 -7.74 -31.72
N LYS A 185 -7.72 -8.01 -31.23
CA LYS A 185 -7.90 -8.39 -29.83
C LYS A 185 -7.48 -9.82 -29.60
N LEU A 186 -7.13 -10.15 -28.36
CA LEU A 186 -6.97 -11.54 -27.94
C LEU A 186 -8.21 -12.00 -27.19
N VAL A 187 -8.76 -13.13 -27.58
CA VAL A 187 -10.02 -13.60 -27.01
C VAL A 187 -10.00 -15.07 -26.61
N GLN A 188 -11.00 -15.48 -25.84
CA GLN A 188 -11.13 -16.84 -25.35
C GLN A 188 -12.43 -17.49 -25.80
N ARG A 189 -12.35 -18.70 -26.34
CA ARG A 189 -13.50 -19.59 -26.49
C ARG A 189 -13.41 -20.66 -25.40
N ALA A 190 -14.56 -21.16 -24.94
CA ALA A 190 -14.60 -22.02 -23.77
C ALA A 190 -15.55 -23.22 -23.93
N TYR A 191 -15.07 -24.38 -23.51
CA TYR A 191 -15.88 -25.59 -23.43
C TYR A 191 -15.87 -26.15 -22.01
N ASP A 192 -17.04 -26.41 -21.47
CA ASP A 192 -17.17 -27.10 -20.18
C ASP A 192 -18.08 -28.32 -20.37
N PRO A 193 -17.83 -29.38 -19.58
CA PRO A 193 -18.53 -30.66 -19.74
C PRO A 193 -20.05 -30.56 -19.55
N HIS A 194 -20.50 -29.59 -18.76
CA HIS A 194 -21.92 -29.47 -18.44
C HIS A 194 -22.66 -28.45 -19.32
N THR A 195 -21.91 -27.69 -20.10
CA THR A 195 -22.48 -26.64 -20.95
C THR A 195 -22.22 -26.87 -22.44
N GLY A 196 -21.18 -27.63 -22.75
CA GLY A 196 -20.70 -27.69 -24.12
C GLY A 196 -19.92 -26.43 -24.39
N TRP A 197 -19.75 -26.08 -25.66
CA TRP A 197 -19.07 -24.83 -26.01
C TRP A 197 -19.96 -23.63 -25.72
N TYR A 198 -19.48 -22.72 -24.89
CA TYR A 198 -20.14 -21.45 -24.70
C TYR A 198 -20.08 -20.67 -26.02
N LYS A 199 -21.08 -19.82 -26.25
CA LYS A 199 -21.08 -18.98 -27.45
C LYS A 199 -20.14 -17.79 -27.29
N GLU A 200 -19.91 -17.37 -26.04
CA GLU A 200 -19.26 -16.10 -25.77
C GLU A 200 -17.75 -16.10 -26.02
N LEU A 201 -17.32 -15.14 -26.83
CA LEU A 201 -15.92 -14.74 -26.90
C LEU A 201 -15.60 -13.87 -25.69
N THR A 202 -14.59 -14.25 -24.93
CA THR A 202 -14.12 -13.44 -23.80
C THR A 202 -12.81 -12.76 -24.17
N THR A 203 -12.77 -11.44 -24.07
CA THR A 203 -11.57 -10.68 -24.36
C THR A 203 -10.59 -10.78 -23.19
N ILE A 204 -9.33 -11.05 -23.49
CA ILE A 204 -8.28 -11.07 -22.46
C ILE A 204 -7.24 -9.99 -22.69
N PHE A 205 -7.23 -9.40 -23.88
CA PHE A 205 -6.32 -8.30 -24.19
C PHE A 205 -6.82 -7.50 -25.39
N ASP A 206 -6.73 -6.18 -25.30
CA ASP A 206 -7.41 -5.27 -26.23
C ASP A 206 -6.73 -5.13 -27.59
N LYS A 207 -5.41 -5.22 -27.62
CA LYS A 207 -4.70 -5.00 -28.87
C LYS A 207 -3.29 -5.55 -28.79
N ALA A 208 -3.03 -6.60 -29.57
CA ALA A 208 -1.72 -7.23 -29.61
C ALA A 208 -1.16 -7.15 -31.02
N PRO A 209 0.14 -7.41 -31.17
CA PRO A 209 0.71 -7.39 -32.52
C PRO A 209 0.04 -8.43 -33.41
N PRO A 210 -0.06 -8.14 -34.72
CA PRO A 210 -0.71 -9.08 -35.64
C PRO A 210 0.03 -10.41 -35.73
N ARG A 211 -0.69 -11.52 -35.60
CA ARG A 211 -0.10 -12.86 -35.64
C ARG A 211 0.94 -13.07 -34.53
N CYS A 212 0.76 -12.37 -33.42
CA CYS A 212 1.64 -12.57 -32.27
C CYS A 212 1.53 -14.01 -31.78
N ALA A 213 2.65 -14.55 -31.28
CA ALA A 213 2.64 -15.88 -30.70
C ALA A 213 1.69 -15.91 -29.51
N ILE A 214 1.01 -17.03 -29.32
CA ILE A 214 0.12 -17.21 -28.17
C ILE A 214 0.28 -18.63 -27.62
N ALA A 215 0.38 -18.73 -26.30
CA ALA A 215 0.52 -20.01 -25.64
C ALA A 215 -0.03 -19.96 -24.22
N ALA A 216 -0.66 -21.06 -23.78
CA ALA A 216 -1.35 -21.10 -22.50
C ALA A 216 -1.17 -22.41 -21.75
N THR A 217 -1.35 -22.33 -20.44
CA THR A 217 -1.29 -23.49 -19.55
C THR A 217 -2.25 -23.30 -18.38
N ASN A 218 -2.44 -24.36 -17.60
CA ASN A 218 -3.22 -24.28 -16.37
C ASN A 218 -2.56 -25.11 -15.27
N PHE A 219 -2.84 -24.76 -14.02
CA PHE A 219 -2.35 -25.54 -12.88
C PHE A 219 -3.32 -25.51 -11.72
N ASN A 220 -3.11 -26.43 -10.79
CA ASN A 220 -3.92 -26.57 -9.58
C ASN A 220 -5.43 -26.54 -9.85
N PRO A 221 -5.91 -27.48 -10.66
CA PRO A 221 -7.36 -27.62 -10.86
C PRO A 221 -8.02 -28.21 -9.63
N GLY A 222 -9.23 -27.75 -9.31
CA GLY A 222 -9.93 -28.20 -8.11
C GLY A 222 -11.35 -28.63 -8.39
N LYS A 223 -12.20 -28.49 -7.38
CA LYS A 223 -13.59 -28.92 -7.48
C LYS A 223 -14.36 -28.08 -8.48
N SER A 224 -14.17 -26.77 -8.42
CA SER A 224 -14.81 -25.87 -9.36
C SER A 224 -13.91 -24.66 -9.59
N SER A 225 -12.60 -24.89 -9.42
CA SER A 225 -11.61 -23.83 -9.45
C SER A 225 -10.47 -24.16 -10.41
N ILE A 226 -9.91 -23.13 -11.02
CA ILE A 226 -8.78 -23.30 -11.93
C ILE A 226 -7.89 -22.06 -11.90
N TYR A 227 -6.62 -22.26 -12.26
CA TYR A 227 -5.68 -21.16 -12.43
C TYR A 227 -5.07 -21.28 -13.82
N MET A 228 -5.12 -20.19 -14.59
CA MET A 228 -4.65 -20.22 -15.97
C MET A 228 -3.66 -19.09 -16.23
N ARG A 229 -2.73 -19.36 -17.14
CA ARG A 229 -1.74 -18.39 -17.57
C ARG A 229 -1.70 -18.39 -19.09
N ILE A 230 -1.77 -17.21 -19.70
CA ILE A 230 -1.68 -17.07 -21.15
C ILE A 230 -0.57 -16.11 -21.51
N TYR A 231 0.26 -16.52 -22.46
CA TYR A 231 1.43 -15.75 -22.85
C TYR A 231 1.33 -15.35 -24.31
N PHE A 232 1.75 -14.13 -24.60
CA PHE A 232 1.81 -13.65 -25.97
C PHE A 232 2.93 -12.63 -26.11
N VAL A 233 3.48 -12.50 -27.32
CA VAL A 233 4.49 -11.50 -27.61
C VAL A 233 3.80 -10.16 -27.88
N ASN A 234 4.07 -9.18 -27.04
CA ASN A 234 3.47 -7.86 -27.19
C ASN A 234 4.30 -6.96 -28.10
N SER A 235 3.84 -5.74 -28.30
CA SER A 235 4.46 -4.84 -29.27
C SER A 235 5.74 -4.22 -28.74
N ASP A 236 6.05 -4.44 -27.48
CA ASP A 236 7.29 -3.91 -26.91
C ASP A 236 8.45 -4.91 -27.08
N ASN A 237 8.18 -6.03 -27.77
CA ASN A 237 9.12 -7.15 -27.97
C ASN A 237 9.46 -7.94 -26.69
N THR A 238 8.46 -8.17 -25.84
CA THR A 238 8.58 -9.08 -24.68
C THR A 238 7.37 -9.99 -24.66
N ILE A 239 7.49 -11.11 -23.96
CA ILE A 239 6.36 -11.95 -23.64
C ILE A 239 5.56 -11.31 -22.52
N TRP A 240 4.25 -11.22 -22.70
CA TRP A 240 3.36 -10.74 -21.65
C TRP A 240 2.54 -11.90 -21.11
N GLN A 241 2.13 -11.78 -19.86
CA GLN A 241 1.36 -12.81 -19.18
C GLN A 241 -0.03 -12.28 -18.81
N VAL A 242 -1.04 -13.11 -19.01
CA VAL A 242 -2.39 -12.82 -18.54
C VAL A 242 -2.78 -13.89 -17.52
N CYS A 243 -3.21 -13.45 -16.34
CA CYS A 243 -3.52 -14.36 -15.25
C CYS A 243 -5.02 -14.53 -15.02
N TRP A 244 -5.47 -15.78 -15.00
CA TRP A 244 -6.73 -16.11 -14.39
C TRP A 244 -6.43 -16.85 -13.08
N ASP A 245 -6.99 -16.34 -11.99
CA ASP A 245 -6.84 -16.96 -10.68
C ASP A 245 -8.20 -17.08 -10.03
N HIS A 246 -8.47 -18.26 -9.46
CA HIS A 246 -9.78 -18.55 -8.87
C HIS A 246 -10.18 -17.50 -7.84
N GLY A 247 -11.37 -16.95 -8.00
CA GLY A 247 -11.89 -15.93 -7.11
C GLY A 247 -11.57 -14.53 -7.56
N GLN A 248 -10.81 -14.40 -8.65
CA GLN A 248 -10.40 -13.10 -9.17
C GLN A 248 -10.66 -12.93 -10.67
N GLY A 249 -10.85 -14.03 -11.38
CA GLY A 249 -11.04 -13.97 -12.82
C GLY A 249 -9.78 -13.48 -13.51
N TYR A 250 -9.94 -12.82 -14.65
CA TYR A 250 -8.81 -12.19 -15.32
C TYR A 250 -8.49 -10.86 -14.65
N HIS A 251 -7.41 -10.84 -13.87
CA HIS A 251 -7.13 -9.74 -12.96
C HIS A 251 -5.70 -9.21 -13.02
N ASP A 252 -4.92 -9.63 -14.01
CA ASP A 252 -3.54 -9.17 -14.11
C ASP A 252 -2.95 -9.31 -15.51
N LYS A 253 -2.20 -8.28 -15.91
CA LYS A 253 -1.46 -8.27 -17.17
C LYS A 253 -0.09 -7.63 -16.96
N ARG A 254 0.98 -8.36 -17.24
CA ARG A 254 2.33 -7.84 -17.03
C ARG A 254 3.37 -8.47 -17.95
N THR A 255 4.44 -7.72 -18.22
CA THR A 255 5.55 -8.23 -19.01
C THR A 255 6.28 -9.32 -18.24
N ILE A 256 6.99 -10.18 -18.96
CA ILE A 256 7.72 -11.29 -18.35
C ILE A 256 9.20 -11.24 -18.70
N THR A 257 9.52 -11.26 -19.99
CA THR A 257 10.91 -11.29 -20.41
C THR A 257 11.04 -10.85 -21.87
N PRO A 258 12.21 -10.27 -22.23
CA PRO A 258 12.42 -9.90 -23.64
C PRO A 258 12.56 -11.10 -24.57
N VAL A 259 12.21 -10.88 -25.84
CA VAL A 259 12.35 -11.87 -26.89
C VAL A 259 12.74 -11.15 -28.18
N ILE A 260 13.21 -11.90 -29.16
CA ILE A 260 13.52 -11.31 -30.45
C ILE A 260 12.23 -10.86 -31.11
N GLN A 261 12.35 -9.98 -32.09
CA GLN A 261 11.23 -9.61 -32.92
C GLN A 261 10.63 -10.86 -33.56
N GLY A 262 9.36 -11.13 -33.25
CA GLY A 262 8.63 -12.21 -33.88
C GLY A 262 8.93 -13.60 -33.35
N SER A 263 9.32 -13.69 -32.08
CA SER A 263 9.60 -14.98 -31.48
C SER A 263 8.32 -15.79 -31.27
N GLU A 264 8.43 -17.11 -31.41
CA GLU A 264 7.36 -18.01 -31.03
C GLU A 264 7.60 -18.39 -29.58
N ILE A 265 6.60 -18.99 -28.93
CA ILE A 265 6.70 -19.31 -27.50
C ILE A 265 6.06 -20.65 -27.15
N ALA A 266 6.59 -21.28 -26.11
CA ALA A 266 6.00 -22.50 -25.56
C ALA A 266 5.95 -22.40 -24.05
N ILE A 267 4.91 -22.99 -23.45
CA ILE A 267 4.73 -22.95 -22.01
C ILE A 267 4.35 -24.33 -21.47
N ILE A 268 5.05 -24.74 -20.42
CA ILE A 268 4.68 -25.94 -19.66
C ILE A 268 4.60 -25.58 -18.18
N SER A 269 3.99 -26.46 -17.40
CA SER A 269 3.85 -26.24 -15.98
C SER A 269 3.61 -27.54 -15.25
N TRP A 270 3.91 -27.54 -13.95
CA TRP A 270 3.49 -28.65 -13.10
C TRP A 270 3.18 -28.14 -11.70
N GLU A 271 2.59 -29.00 -10.88
CA GLU A 271 2.08 -28.57 -9.57
C GLU A 271 3.18 -27.98 -8.70
N GLY A 272 2.82 -26.91 -7.99
CA GLY A 272 3.78 -26.17 -7.21
C GLY A 272 3.26 -24.78 -6.88
N PRO A 273 3.08 -23.93 -7.91
CA PRO A 273 3.31 -24.20 -9.34
C PRO A 273 4.73 -23.93 -9.82
N GLU A 274 5.17 -24.75 -10.77
CA GLU A 274 6.40 -24.49 -11.53
C GLU A 274 6.01 -24.15 -12.97
N LEU A 275 6.65 -23.13 -13.53
CA LEU A 275 6.39 -22.72 -14.91
C LEU A 275 7.69 -22.68 -15.71
N ARG A 276 7.64 -23.12 -16.96
CA ARG A 276 8.76 -22.97 -17.88
C ARG A 276 8.30 -22.41 -19.22
N LEU A 277 8.92 -21.31 -19.61
CA LEU A 277 8.69 -20.71 -20.92
C LEU A 277 9.89 -20.94 -21.84
N TYR A 278 9.63 -21.15 -23.13
CA TYR A 278 10.70 -21.30 -24.11
C TYR A 278 10.44 -20.37 -25.28
N PHE A 279 11.53 -19.80 -25.81
CA PHE A 279 11.45 -18.69 -26.75
C PHE A 279 12.85 -18.36 -27.24
N GLN A 280 12.95 -17.44 -28.19
CA GLN A 280 14.24 -16.92 -28.65
C GLN A 280 14.39 -15.45 -28.24
N ASN A 281 15.50 -15.12 -27.56
CA ASN A 281 15.76 -13.74 -27.13
C ASN A 281 17.08 -13.18 -27.65
N GLY A 282 17.71 -13.90 -28.57
CA GLY A 282 18.91 -13.44 -29.22
C GLY A 282 20.19 -14.09 -28.70
N THR A 283 20.04 -15.01 -27.74
CA THR A 283 21.21 -15.72 -27.21
C THR A 283 21.85 -16.54 -28.34
N TYR A 284 23.10 -16.24 -28.64
CA TYR A 284 23.79 -16.88 -29.76
C TYR A 284 23.00 -16.68 -31.04
N VAL A 285 22.31 -15.55 -31.13
CA VAL A 285 21.46 -15.18 -32.26
C VAL A 285 20.19 -16.02 -32.33
N SER A 286 20.35 -17.34 -32.50
CA SER A 286 19.22 -18.18 -32.87
C SER A 286 18.87 -19.29 -31.87
N ALA A 287 19.56 -19.34 -30.74
CA ALA A 287 19.29 -20.39 -29.75
C ALA A 287 17.97 -20.16 -29.02
N ILE A 288 17.42 -21.23 -28.44
CA ILE A 288 16.21 -21.15 -27.62
C ILE A 288 16.61 -20.96 -26.15
N SER A 289 15.95 -20.00 -25.50
CA SER A 289 16.21 -19.71 -24.09
C SER A 289 15.04 -20.16 -23.21
N GLU A 290 15.30 -20.28 -21.91
CA GLU A 290 14.29 -20.70 -20.94
C GLU A 290 14.04 -19.64 -19.88
N TRP A 291 12.78 -19.44 -19.54
CA TRP A 291 12.38 -18.60 -18.42
C TRP A 291 11.64 -19.48 -17.41
N THR A 292 11.90 -19.26 -16.12
CA THR A 292 11.34 -20.11 -15.07
C THR A 292 10.54 -19.32 -14.04
N TRP A 293 9.61 -20.00 -13.40
CA TRP A 293 8.96 -19.47 -12.21
C TRP A 293 8.76 -20.61 -11.22
N GLY A 294 9.11 -20.36 -9.97
CA GLY A 294 8.92 -21.32 -8.91
C GLY A 294 8.61 -20.62 -7.60
N LYS A 295 8.07 -21.37 -6.65
CA LYS A 295 7.69 -20.83 -5.36
C LYS A 295 8.92 -20.36 -4.57
N ALA A 296 10.06 -21.00 -4.84
CA ALA A 296 11.30 -20.70 -4.10
C ALA A 296 11.88 -19.34 -4.45
N HIS A 297 12.12 -19.09 -5.73
CA HIS A 297 12.82 -17.88 -6.16
C HIS A 297 11.98 -16.97 -7.06
N GLY A 298 10.77 -17.41 -7.41
CA GLY A 298 9.90 -16.63 -8.26
C GLY A 298 10.42 -16.54 -9.68
N SER A 299 10.35 -15.34 -10.26
CA SER A 299 10.68 -15.14 -11.67
C SER A 299 12.18 -15.15 -11.92
N GLN A 300 12.66 -16.18 -12.61
CA GLN A 300 14.08 -16.33 -12.91
C GLN A 300 14.31 -16.89 -14.32
N LEU A 301 15.22 -16.26 -15.05
CA LEU A 301 15.69 -16.83 -16.32
C LEU A 301 16.33 -18.18 -16.04
N GLY A 302 16.14 -19.12 -16.97
CA GLY A 302 16.67 -20.46 -16.82
C GLY A 302 17.81 -20.72 -17.77
N ARG A 303 17.82 -21.92 -18.36
CA ARG A 303 18.81 -22.29 -19.38
C ARG A 303 18.88 -21.23 -20.47
N ARG A 304 20.06 -20.66 -20.66
CA ARG A 304 20.24 -19.55 -21.59
C ARG A 304 20.22 -20.00 -23.04
N ALA A 305 20.87 -21.14 -23.32
CA ALA A 305 20.91 -21.69 -24.66
C ALA A 305 20.69 -23.20 -24.64
N LEU A 306 19.49 -23.63 -25.02
CA LEU A 306 19.15 -25.04 -25.08
C LEU A 306 20.03 -25.79 -26.07
N PRO A 307 20.21 -27.11 -25.87
CA PRO A 307 20.85 -27.91 -26.91
C PRO A 307 20.08 -27.75 -28.22
N PRO A 308 20.77 -27.78 -29.37
CA PRO A 308 22.19 -28.10 -29.56
C PRO A 308 23.14 -26.91 -29.40
N ALA A 309 22.63 -25.77 -28.96
CA ALA A 309 23.44 -24.54 -28.91
C ALA A 309 24.67 -24.73 -28.01
N GLU A 310 24.50 -25.44 -26.91
CA GLU A 310 25.59 -25.76 -25.99
C GLU A 310 25.45 -27.17 -25.47
N SER B 1 0.49 23.68 -1.82
CA SER B 1 1.06 22.34 -1.94
C SER B 1 1.31 21.97 -3.40
N THR B 2 1.62 20.69 -3.63
CA THR B 2 1.88 20.17 -4.96
C THR B 2 1.35 18.74 -5.09
N PRO B 3 0.97 18.31 -6.30
CA PRO B 3 0.41 16.96 -6.49
C PRO B 3 1.28 15.85 -5.92
N GLY B 4 2.59 16.06 -5.91
CA GLY B 4 3.53 15.07 -5.41
C GLY B 4 3.62 15.08 -3.89
N ALA B 5 3.66 16.27 -3.32
CA ALA B 5 3.73 16.43 -1.87
C ALA B 5 2.52 15.80 -1.18
N GLN B 6 1.37 15.83 -1.87
CA GLN B 6 0.12 15.31 -1.32
C GLN B 6 0.17 13.81 -1.09
N GLU B 7 1.07 13.13 -1.79
CA GLU B 7 1.19 11.69 -1.68
C GLU B 7 1.88 11.27 -0.37
N VAL B 8 2.63 12.18 0.22
CA VAL B 8 3.32 11.93 1.48
C VAL B 8 2.39 12.09 2.69
N LEU B 9 2.28 11.04 3.50
CA LEU B 9 1.42 11.05 4.67
C LEU B 9 1.83 12.16 5.64
N PHE B 10 0.84 12.84 6.19
CA PHE B 10 1.07 13.88 7.19
C PHE B 10 1.57 13.23 8.48
N ARG B 11 2.65 13.78 9.03
CA ARG B 11 3.29 13.22 10.21
C ARG B 11 3.72 11.77 9.97
N THR B 12 4.14 11.49 8.74
CA THR B 12 4.68 10.18 8.40
C THR B 12 5.90 9.87 9.22
N GLY B 13 6.13 8.58 9.49
CA GLY B 13 7.39 8.15 10.05
C GLY B 13 8.48 8.41 9.02
N ILE B 14 9.68 8.71 9.49
CA ILE B 14 10.80 8.98 8.59
C ILE B 14 12.04 8.22 9.05
N ALA B 15 12.68 7.56 8.10
CA ALA B 15 13.92 6.82 8.35
C ALA B 15 14.89 7.10 7.22
N ALA B 16 16.19 7.00 7.51
CA ALA B 16 17.21 7.27 6.50
C ALA B 16 18.49 6.48 6.77
N VAL B 17 19.14 6.08 5.68
CA VAL B 17 20.47 5.44 5.75
C VAL B 17 21.41 6.13 4.77
N ASN B 18 22.69 5.80 4.86
CA ASN B 18 23.69 6.41 3.98
C ASN B 18 25.04 5.71 3.97
N SER B 19 25.81 6.02 2.93
CA SER B 19 27.25 5.74 2.88
C SER B 19 27.93 7.04 2.45
N THR B 20 28.49 7.76 3.42
CA THR B 20 28.98 9.11 3.21
C THR B 20 27.82 9.98 2.68
N ASN B 21 27.95 10.52 1.47
CA ASN B 21 26.94 11.42 0.93
C ASN B 21 26.09 10.74 -0.13
N HIS B 22 25.96 9.42 -0.01
CA HIS B 22 25.04 8.65 -0.82
C HIS B 22 23.88 8.21 0.06
N LEU B 23 22.72 8.83 -0.13
CA LEU B 23 21.65 8.79 0.86
C LEU B 23 20.40 8.04 0.39
N ARG B 24 19.69 7.46 1.36
CA ARG B 24 18.36 6.90 1.14
C ARG B 24 17.44 7.40 2.25
N VAL B 25 16.24 7.83 1.88
CA VAL B 25 15.24 8.29 2.84
C VAL B 25 13.95 7.53 2.64
N TYR B 26 13.38 7.04 3.75
CA TYR B 26 12.19 6.21 3.70
C TYR B 26 11.03 6.88 4.44
N PHE B 27 9.86 6.77 3.85
CA PHE B 27 8.66 7.41 4.39
C PHE B 27 7.44 6.64 3.92
N GLN B 28 6.28 6.99 4.48
CA GLN B 28 5.02 6.33 4.15
C GLN B 28 4.09 7.26 3.39
N ASP B 29 3.48 6.78 2.32
CA ASP B 29 2.56 7.61 1.54
C ASP B 29 1.15 7.53 2.13
N SER B 30 0.25 8.34 1.59
CA SER B 30 -1.09 8.47 2.16
C SER B 30 -1.91 7.19 2.04
N HIS B 31 -1.40 6.22 1.28
CA HIS B 31 -2.11 4.94 1.09
C HIS B 31 -1.42 3.80 1.84
N GLY B 32 -0.36 4.12 2.58
CA GLY B 32 0.23 3.17 3.51
C GLY B 32 1.48 2.47 3.02
N SER B 33 1.88 2.73 1.78
CA SER B 33 3.08 2.11 1.22
C SER B 33 4.34 2.86 1.67
N ILE B 34 5.41 2.10 1.84
CA ILE B 34 6.71 2.66 2.23
C ILE B 34 7.54 2.96 0.99
N ARG B 35 7.87 4.23 0.79
CA ARG B 35 8.60 4.67 -0.39
C ARG B 35 10.05 5.05 -0.06
N GLU B 36 10.93 4.80 -1.01
CA GLU B 36 12.33 5.20 -0.90
C GLU B 36 12.64 6.36 -1.84
N SER B 37 13.14 7.45 -1.26
CA SER B 37 13.80 8.50 -2.02
C SER B 37 15.30 8.28 -1.89
N LEU B 38 16.06 8.62 -2.94
CA LEU B 38 17.51 8.49 -2.87
C LEU B 38 18.19 9.78 -3.29
N TYR B 39 19.43 9.93 -2.83
CA TYR B 39 20.30 10.99 -3.25
C TYR B 39 21.59 10.42 -3.81
N GLU B 40 21.72 10.43 -5.13
CA GLU B 40 22.96 10.04 -5.79
C GLU B 40 23.44 11.19 -6.68
N SER B 41 24.19 12.10 -6.07
CA SER B 41 24.59 13.34 -6.72
C SER B 41 23.36 14.10 -7.21
N GLY B 42 22.29 14.03 -6.41
CA GLY B 42 21.03 14.67 -6.75
C GLY B 42 19.86 13.84 -6.25
N TRP B 43 18.78 14.52 -5.88
CA TRP B 43 17.60 13.83 -5.35
C TRP B 43 16.74 13.23 -6.46
N ALA B 44 16.08 12.11 -6.15
CA ALA B 44 15.22 11.44 -7.11
C ALA B 44 14.27 10.43 -6.47
N ASN B 45 13.39 9.85 -7.27
CA ASN B 45 12.49 8.77 -6.85
C ASN B 45 11.47 9.21 -5.80
N GLY B 46 11.06 8.30 -4.92
CA GLY B 46 10.05 8.59 -3.92
C GLY B 46 8.65 8.46 -4.48
N THR B 47 8.52 7.85 -5.66
CA THR B 47 7.22 7.71 -6.32
C THR B 47 6.59 6.36 -6.01
N ALA B 48 5.42 6.11 -6.61
CA ALA B 48 4.65 4.90 -6.34
C ALA B 48 5.32 3.65 -6.92
N LYS B 49 6.32 3.87 -7.77
CA LYS B 49 7.09 2.76 -8.33
C LYS B 49 8.37 2.51 -7.54
N ASN B 50 8.51 3.23 -6.41
CA ASN B 50 9.65 3.08 -5.51
C ASN B 50 9.22 2.51 -4.16
N VAL B 51 8.33 1.53 -4.18
CA VAL B 51 7.75 0.97 -2.96
C VAL B 51 8.51 -0.27 -2.50
N ILE B 52 8.89 -0.29 -1.22
CA ILE B 52 9.63 -1.40 -0.64
C ILE B 52 8.80 -2.20 0.35
N ALA B 53 7.74 -1.60 0.87
CA ALA B 53 6.89 -2.27 1.84
C ALA B 53 5.50 -1.65 1.94
N LYS B 54 4.59 -2.37 2.59
CA LYS B 54 3.26 -1.88 2.92
C LYS B 54 3.00 -2.09 4.41
N ALA B 55 2.67 -1.00 5.10
CA ALA B 55 2.51 -1.03 6.56
C ALA B 55 1.24 -0.32 6.97
N LYS B 56 0.83 -0.53 8.22
CA LYS B 56 -0.37 0.10 8.73
C LYS B 56 -0.21 1.61 8.69
N LEU B 57 -1.32 2.33 8.49
CA LEU B 57 -1.27 3.78 8.45
C LEU B 57 -0.76 4.32 9.77
N GLY B 58 0.18 5.26 9.69
CA GLY B 58 0.78 5.86 10.86
C GLY B 58 1.83 4.97 11.50
N THR B 59 2.39 4.05 10.73
CA THR B 59 3.36 3.10 11.25
C THR B 59 4.64 3.82 11.66
N PRO B 60 5.35 3.26 12.65
CA PRO B 60 6.72 3.75 12.86
C PRO B 60 7.65 3.27 11.74
N LEU B 61 8.73 3.99 11.51
CA LEU B 61 9.76 3.57 10.58
C LEU B 61 11.12 3.62 11.23
N ALA B 62 11.90 2.57 11.01
CA ALA B 62 13.30 2.53 11.41
C ALA B 62 14.10 1.87 10.31
N ALA B 63 15.30 2.39 10.08
CA ALA B 63 16.18 1.85 9.06
C ALA B 63 17.63 1.88 9.52
N THR B 64 18.38 0.87 9.11
CA THR B 64 19.81 0.81 9.38
C THR B 64 20.48 0.07 8.23
N SER B 65 21.78 0.29 8.06
CA SER B 65 22.50 -0.25 6.93
C SER B 65 23.98 -0.42 7.19
N LYS B 66 24.62 -1.24 6.35
CA LYS B 66 26.07 -1.33 6.28
C LYS B 66 26.49 -0.71 4.96
N GLU B 67 26.91 0.55 5.02
CA GLU B 67 27.06 1.38 3.83
C GLU B 67 25.73 1.33 3.06
N LEU B 68 25.77 0.96 1.78
CA LEU B 68 24.55 0.76 1.01
C LEU B 68 24.54 -0.62 0.37
N LYS B 69 25.26 -1.55 0.98
CA LYS B 69 25.31 -2.94 0.53
C LYS B 69 24.17 -3.74 1.15
N ASN B 70 23.89 -3.47 2.42
CA ASN B 70 22.84 -4.16 3.15
C ASN B 70 21.96 -3.16 3.89
N ILE B 71 20.69 -3.11 3.53
CA ILE B 71 19.75 -2.18 4.15
C ILE B 71 18.55 -2.93 4.72
N ARG B 72 18.12 -2.53 5.90
CA ARG B 72 16.94 -3.12 6.54
C ARG B 72 16.02 -2.01 7.01
N VAL B 73 14.75 -2.07 6.60
CA VAL B 73 13.75 -1.07 6.95
C VAL B 73 12.58 -1.72 7.70
N TYR B 74 12.28 -1.19 8.88
CA TYR B 74 11.34 -1.83 9.80
C TYR B 74 10.04 -1.04 9.96
N SER B 75 8.93 -1.76 10.11
CA SER B 75 7.62 -1.16 10.27
C SER B 75 6.64 -2.15 10.88
N LEU B 76 5.39 -1.74 11.00
CA LEU B 76 4.35 -2.54 11.64
C LEU B 76 3.29 -2.99 10.65
N THR B 77 2.82 -4.22 10.80
CA THR B 77 1.65 -4.68 10.07
C THR B 77 0.42 -4.14 10.77
N GLU B 78 -0.75 -4.36 10.17
CA GLU B 78 -2.00 -3.87 10.73
C GLU B 78 -2.38 -4.67 11.97
N ASP B 79 -1.76 -5.83 12.17
CA ASP B 79 -1.91 -6.58 13.41
C ASP B 79 -0.78 -6.26 14.37
N ASN B 80 -0.05 -5.18 14.08
CA ASN B 80 1.02 -4.68 14.94
C ASN B 80 2.13 -5.71 15.16
N VAL B 81 2.50 -6.38 14.07
CA VAL B 81 3.62 -7.33 14.08
C VAL B 81 4.82 -6.65 13.42
N LEU B 82 5.97 -6.75 14.07
CA LEU B 82 7.19 -6.20 13.50
C LEU B 82 7.53 -6.92 12.20
N GLN B 83 7.76 -6.16 11.14
CA GLN B 83 8.18 -6.71 9.86
C GLN B 83 9.40 -5.96 9.34
N GLU B 84 10.09 -6.57 8.39
CA GLU B 84 11.37 -6.07 7.89
C GLU B 84 11.43 -6.12 6.37
N ALA B 85 11.76 -4.99 5.77
CA ALA B 85 12.08 -4.92 4.35
C ALA B 85 13.61 -4.90 4.20
N ALA B 86 14.15 -5.84 3.42
CA ALA B 86 15.60 -6.04 3.35
C ALA B 86 16.14 -5.86 1.93
N TYR B 87 17.22 -5.10 1.82
CA TYR B 87 17.96 -4.98 0.56
C TYR B 87 19.39 -5.51 0.71
N ASP B 88 19.78 -6.36 -0.23
CA ASP B 88 21.17 -6.83 -0.33
C ASP B 88 21.68 -6.63 -1.75
N SER B 89 22.87 -6.03 -1.86
CA SER B 89 23.48 -5.76 -3.16
C SER B 89 23.59 -7.05 -3.97
N GLY B 90 22.97 -7.04 -5.15
CA GLY B 90 22.99 -8.20 -6.03
C GLY B 90 21.79 -9.12 -5.81
N SER B 91 20.92 -8.74 -4.88
CA SER B 91 19.71 -9.52 -4.60
C SER B 91 18.47 -8.64 -4.64
N GLY B 92 18.66 -7.33 -4.48
CA GLY B 92 17.55 -6.39 -4.52
C GLY B 92 16.76 -6.39 -3.22
N TRP B 93 15.51 -5.94 -3.30
CA TRP B 93 14.63 -5.89 -2.13
C TRP B 93 13.88 -7.19 -1.96
N TYR B 94 13.55 -7.50 -0.70
CA TYR B 94 12.79 -8.70 -0.38
C TYR B 94 12.31 -8.65 1.07
N ASN B 95 11.33 -9.48 1.39
CA ASN B 95 10.83 -9.59 2.75
C ASN B 95 11.80 -10.30 3.66
N GLY B 96 12.19 -9.62 4.74
CA GLY B 96 13.09 -10.22 5.72
C GLY B 96 12.37 -11.22 6.59
N ALA B 97 13.15 -12.01 7.33
CA ALA B 97 12.61 -13.09 8.14
C ALA B 97 11.93 -12.62 9.43
N LEU B 98 11.98 -11.31 9.70
CA LEU B 98 11.49 -10.79 10.98
C LEU B 98 10.03 -11.12 11.24
N ALA B 99 9.17 -10.79 10.29
CA ALA B 99 7.73 -11.01 10.43
C ALA B 99 7.42 -12.47 10.75
N GLY B 100 8.28 -13.37 10.30
CA GLY B 100 8.11 -14.79 10.54
C GLY B 100 8.28 -15.15 12.00
N ALA B 101 8.94 -14.26 12.75
CA ALA B 101 9.12 -14.48 14.18
C ALA B 101 7.87 -14.06 14.94
N LYS B 102 7.00 -13.30 14.26
CA LYS B 102 5.72 -12.89 14.82
C LYS B 102 5.86 -12.18 16.16
N PHE B 103 6.70 -11.16 16.19
CA PHE B 103 6.82 -10.29 17.36
C PHE B 103 5.73 -9.23 17.33
N THR B 104 4.72 -9.39 18.18
CA THR B 104 3.63 -8.42 18.26
C THR B 104 3.93 -7.37 19.34
N VAL B 105 3.81 -6.10 18.96
CA VAL B 105 4.10 -5.00 19.86
C VAL B 105 2.85 -4.15 20.08
N ALA B 106 2.95 -3.17 20.97
CA ALA B 106 1.82 -2.28 21.24
C ALA B 106 1.45 -1.50 19.99
N PRO B 107 0.15 -1.21 19.81
CA PRO B 107 -0.29 -0.47 18.62
C PRO B 107 0.45 0.85 18.42
N TYR B 108 0.86 1.47 19.53
CA TYR B 108 1.48 2.78 19.49
C TYR B 108 3.01 2.70 19.54
N SER B 109 3.54 1.48 19.46
CA SER B 109 4.98 1.26 19.54
C SER B 109 5.75 2.01 18.44
N ARG B 110 6.91 2.52 18.80
CA ARG B 110 7.86 3.04 17.82
C ARG B 110 8.90 1.96 17.55
N ILE B 111 9.87 2.24 16.68
CA ILE B 111 10.94 1.29 16.39
C ILE B 111 12.29 1.97 16.27
N GLY B 112 13.31 1.32 16.83
CA GLY B 112 14.69 1.71 16.62
C GLY B 112 15.47 0.52 16.10
N SER B 113 16.43 0.77 15.22
CA SER B 113 17.21 -0.33 14.62
C SER B 113 18.68 0.05 14.38
N VAL B 114 19.56 -0.91 14.62
CA VAL B 114 20.99 -0.75 14.33
C VAL B 114 21.64 -2.06 13.90
N PHE B 115 22.52 -1.96 12.89
CA PHE B 115 23.54 -2.98 12.66
C PHE B 115 24.61 -2.80 13.71
N LEU B 116 25.15 -3.90 14.22
CA LEU B 116 26.26 -3.82 15.16
C LEU B 116 27.51 -3.38 14.42
N ALA B 117 28.13 -2.31 14.91
CA ALA B 117 29.34 -1.76 14.30
C ALA B 117 30.56 -2.57 14.69
N GLY B 118 31.64 -2.40 13.92
CA GLY B 118 32.91 -3.04 14.24
C GLY B 118 33.07 -4.43 13.67
N THR B 119 32.01 -4.96 13.07
CA THR B 119 32.05 -6.30 12.49
C THR B 119 31.47 -6.30 11.08
N ASN B 120 32.04 -7.13 10.22
CA ASN B 120 31.56 -7.26 8.84
C ASN B 120 30.32 -8.14 8.75
N ALA B 121 30.10 -8.96 9.79
CA ALA B 121 28.94 -9.82 9.83
C ALA B 121 27.66 -9.01 9.93
N LEU B 122 26.55 -9.61 9.52
CA LEU B 122 25.26 -8.94 9.55
C LEU B 122 24.50 -9.29 10.81
N GLN B 123 24.69 -8.47 11.83
CA GLN B 123 24.06 -8.67 13.13
C GLN B 123 23.25 -7.44 13.51
N LEU B 124 22.01 -7.65 13.92
CA LEU B 124 21.03 -6.57 14.08
C LEU B 124 20.45 -6.50 15.48
N ARG B 125 20.20 -5.28 15.93
CA ARG B 125 19.48 -5.05 17.17
C ARG B 125 18.37 -4.04 16.90
N ILE B 126 17.14 -4.44 17.14
CA ILE B 126 15.99 -3.57 16.96
C ILE B 126 15.25 -3.42 18.29
N TYR B 127 14.62 -2.27 18.47
CA TYR B 127 13.98 -1.94 19.73
C TYR B 127 12.57 -1.41 19.52
N ALA B 128 11.62 -1.99 20.24
CA ALA B 128 10.22 -1.60 20.16
C ALA B 128 9.55 -1.73 21.53
N GLN B 129 8.29 -1.30 21.61
CA GLN B 129 7.57 -1.29 22.88
C GLN B 129 6.46 -2.34 22.90
N LYS B 130 6.57 -3.28 23.83
CA LYS B 130 5.56 -4.32 23.99
C LYS B 130 4.30 -3.75 24.62
N THR B 131 3.28 -4.59 24.78
CA THR B 131 1.98 -4.14 25.27
C THR B 131 2.04 -3.75 26.74
N ASP B 132 3.10 -4.16 27.43
CA ASP B 132 3.29 -3.77 28.83
C ASP B 132 4.17 -2.51 28.92
N ASN B 133 4.37 -1.87 27.78
CA ASN B 133 5.12 -0.61 27.68
C ASN B 133 6.61 -0.71 27.98
N THR B 134 7.13 -1.93 28.11
CA THR B 134 8.58 -2.10 28.27
C THR B 134 9.26 -2.03 26.91
N ILE B 135 10.49 -1.52 26.91
CA ILE B 135 11.29 -1.45 25.69
C ILE B 135 12.04 -2.76 25.50
N GLN B 136 11.61 -3.53 24.50
CA GLN B 136 12.17 -4.85 24.24
C GLN B 136 13.20 -4.83 23.12
N GLU B 137 14.28 -5.56 23.32
CA GLU B 137 15.30 -5.77 22.30
C GLU B 137 15.00 -7.05 21.54
N TYR B 138 15.15 -7.01 20.24
CA TYR B 138 15.07 -8.20 19.40
C TYR B 138 16.35 -8.24 18.58
N MET B 139 16.87 -9.45 18.37
CA MET B 139 18.19 -9.58 17.77
C MET B 139 18.30 -10.64 16.69
N TRP B 140 19.10 -10.30 15.69
CA TRP B 140 19.54 -11.22 14.66
C TRP B 140 21.06 -11.33 14.72
N ASN B 141 21.58 -12.52 14.99
CA ASN B 141 23.02 -12.75 14.99
C ASN B 141 23.46 -13.68 13.86
N GLY B 142 22.51 -14.44 13.33
CA GLY B 142 22.80 -15.49 12.36
C GLY B 142 22.01 -16.74 12.68
N ASP B 143 21.54 -16.83 13.91
CA ASP B 143 20.79 -17.99 14.39
C ASP B 143 19.27 -17.74 14.45
N GLY B 144 18.82 -16.62 13.90
CA GLY B 144 17.41 -16.33 13.83
C GLY B 144 16.94 -15.29 14.84
N TRP B 145 15.83 -14.65 14.53
CA TRP B 145 15.29 -13.60 15.38
C TRP B 145 14.82 -14.15 16.72
N LYS B 146 15.29 -13.51 17.78
CA LYS B 146 14.94 -13.87 19.15
C LYS B 146 14.90 -12.60 20.00
N GLU B 147 14.19 -12.66 21.12
CA GLU B 147 14.15 -11.52 22.04
C GLU B 147 15.48 -11.36 22.76
N GLY B 148 15.95 -10.12 22.85
CA GLY B 148 17.16 -9.81 23.57
C GLY B 148 16.91 -9.34 24.99
N THR B 149 17.54 -8.22 25.34
CA THR B 149 17.40 -7.63 26.67
C THR B 149 16.16 -6.73 26.73
N ASN B 150 15.51 -6.74 27.88
CA ASN B 150 14.41 -5.82 28.14
C ASN B 150 14.95 -4.61 28.89
N LEU B 151 14.66 -3.42 28.39
CA LEU B 151 15.24 -2.20 28.93
C LEU B 151 14.29 -1.47 29.87
N GLY B 152 13.21 -2.12 30.26
CA GLY B 152 12.31 -1.59 31.27
C GLY B 152 11.22 -0.70 30.72
N VAL B 153 10.38 -0.22 31.63
CA VAL B 153 9.14 0.47 31.28
C VAL B 153 9.36 1.89 30.74
N ALA B 154 8.62 2.22 29.68
CA ALA B 154 8.66 3.55 29.08
C ALA B 154 7.26 4.11 28.97
N LEU B 155 7.16 5.38 28.58
CA LEU B 155 5.86 5.98 28.32
C LEU B 155 5.21 5.28 27.13
N PRO B 156 3.89 5.04 27.21
CA PRO B 156 3.23 4.46 26.03
C PRO B 156 3.39 5.34 24.80
N GLY B 157 3.97 4.80 23.75
CA GLY B 157 4.14 5.53 22.50
C GLY B 157 5.38 6.40 22.47
N THR B 158 6.33 6.11 23.35
CA THR B 158 7.58 6.86 23.39
C THR B 158 8.33 6.72 22.07
N GLY B 159 8.95 7.81 21.62
CA GLY B 159 9.91 7.75 20.54
C GLY B 159 11.05 6.88 21.01
N ILE B 160 11.77 6.27 20.07
CA ILE B 160 12.92 5.45 20.39
C ILE B 160 14.10 5.83 19.50
N GLY B 161 15.14 6.36 20.13
CA GLY B 161 16.37 6.67 19.46
C GLY B 161 17.40 5.61 19.81
N VAL B 162 18.29 5.31 18.86
CA VAL B 162 19.30 4.30 19.06
C VAL B 162 20.50 4.58 18.18
N THR B 163 21.69 4.25 18.68
CA THR B 163 22.91 4.42 17.90
C THR B 163 23.94 3.39 18.33
N CYS B 164 24.87 3.08 17.44
CA CYS B 164 25.84 2.02 17.68
C CYS B 164 27.19 2.39 17.10
N TRP B 165 28.26 2.01 17.80
CA TRP B 165 29.62 2.27 17.34
C TRP B 165 30.57 1.29 18.01
N ARG B 166 31.84 1.34 17.63
CA ARG B 166 32.88 0.54 18.28
C ARG B 166 34.09 1.37 18.67
N TYR B 167 34.23 1.59 19.98
CA TYR B 167 35.48 2.08 20.55
C TYR B 167 36.66 1.27 20.01
N THR B 168 37.74 1.95 19.63
CA THR B 168 38.92 1.28 19.06
C THR B 168 39.57 0.31 20.05
N ASP B 169 39.61 0.69 21.32
CA ASP B 169 40.35 -0.11 22.32
C ASP B 169 39.58 -1.32 22.83
N TYR B 170 38.28 -1.38 22.56
CA TYR B 170 37.45 -2.48 23.03
C TYR B 170 37.10 -3.43 21.89
N ASP B 171 36.71 -4.65 22.24
CA ASP B 171 36.37 -5.67 21.24
C ASP B 171 34.88 -6.01 21.31
N GLY B 172 34.07 -5.14 20.73
CA GLY B 172 32.63 -5.31 20.72
C GLY B 172 31.94 -3.98 20.58
N PRO B 173 30.65 -4.01 20.22
CA PRO B 173 29.91 -2.78 19.94
C PRO B 173 29.40 -2.08 21.19
N SER B 174 29.31 -0.75 21.13
CA SER B 174 28.61 0.03 22.14
C SER B 174 27.25 0.45 21.61
N ILE B 175 26.23 0.40 22.46
CA ILE B 175 24.87 0.78 22.08
C ILE B 175 24.29 1.77 23.08
N ARG B 176 23.62 2.80 22.57
CA ARG B 176 22.89 3.74 23.40
C ARG B 176 21.46 3.85 22.88
N VAL B 177 20.49 3.66 23.78
CA VAL B 177 19.08 3.77 23.44
C VAL B 177 18.45 4.93 24.21
N TRP B 178 17.57 5.67 23.55
CA TRP B 178 16.89 6.80 24.17
C TRP B 178 15.38 6.69 24.03
N PHE B 179 14.67 6.90 25.14
CA PHE B 179 13.22 6.90 25.14
C PHE B 179 12.69 7.78 26.25
N GLN B 180 11.37 7.87 26.35
CA GLN B 180 10.71 8.77 27.27
C GLN B 180 9.96 7.99 28.35
N THR B 181 10.21 8.33 29.61
CA THR B 181 9.61 7.61 30.73
C THR B 181 8.29 8.28 31.14
N ASP B 182 7.58 7.65 32.08
CA ASP B 182 6.25 8.12 32.47
C ASP B 182 6.23 9.56 32.96
N ASN B 183 7.36 10.03 33.50
CA ASN B 183 7.47 11.40 33.99
C ASN B 183 7.83 12.38 32.87
N LEU B 184 7.71 11.91 31.63
CA LEU B 184 7.94 12.73 30.44
C LEU B 184 9.40 13.15 30.27
N LYS B 185 10.29 12.59 31.08
CA LYS B 185 11.73 12.83 30.92
C LYS B 185 12.28 12.04 29.75
N LEU B 186 13.33 12.57 29.13
CA LEU B 186 14.06 11.86 28.09
C LEU B 186 15.32 11.24 28.71
N VAL B 187 15.46 9.92 28.59
CA VAL B 187 16.52 9.20 29.29
C VAL B 187 17.34 8.30 28.36
N GLN B 188 18.39 7.70 28.91
CA GLN B 188 19.31 6.86 28.14
C GLN B 188 19.60 5.54 28.83
N ARG B 189 19.53 4.45 28.07
CA ARG B 189 20.12 3.18 28.48
C ARG B 189 21.39 2.96 27.67
N ALA B 190 22.33 2.22 28.24
CA ALA B 190 23.67 2.10 27.67
C ALA B 190 24.24 0.69 27.76
N TYR B 191 24.80 0.23 26.64
CA TYR B 191 25.51 -1.04 26.57
C TYR B 191 26.95 -0.80 26.16
N ASP B 192 27.89 -1.39 26.89
CA ASP B 192 29.29 -1.43 26.49
C ASP B 192 29.75 -2.90 26.48
N PRO B 193 30.69 -3.24 25.59
CA PRO B 193 31.11 -4.63 25.40
C PRO B 193 31.74 -5.27 26.65
N HIS B 194 32.40 -4.47 27.48
CA HIS B 194 33.11 -4.96 28.65
C HIS B 194 32.28 -4.89 29.93
N THR B 195 31.14 -4.21 29.86
CA THR B 195 30.26 -4.06 31.02
C THR B 195 28.92 -4.75 30.82
N GLY B 196 28.49 -4.83 29.57
CA GLY B 196 27.13 -5.26 29.27
C GLY B 196 26.22 -4.05 29.40
N TRP B 197 24.96 -4.30 29.74
CA TRP B 197 24.03 -3.19 29.96
C TRP B 197 24.24 -2.58 31.35
N TYR B 198 24.53 -1.28 31.38
CA TYR B 198 24.53 -0.55 32.64
C TYR B 198 23.11 -0.51 33.19
N LYS B 199 22.99 -0.54 34.52
CA LYS B 199 21.70 -0.38 35.16
C LYS B 199 21.21 1.06 35.06
N GLU B 200 22.14 1.98 34.86
CA GLU B 200 21.83 3.40 34.97
C GLU B 200 20.97 3.96 33.85
N LEU B 201 19.86 4.57 34.23
CA LEU B 201 19.10 5.47 33.36
C LEU B 201 19.68 6.87 33.45
N THR B 202 20.21 7.38 32.34
CA THR B 202 20.80 8.73 32.30
C THR B 202 19.86 9.74 31.65
N THR B 203 19.42 10.73 32.43
CA THR B 203 18.54 11.78 31.94
C THR B 203 19.29 12.71 30.99
N ILE B 204 18.70 12.96 29.83
CA ILE B 204 19.27 13.90 28.87
C ILE B 204 18.35 15.11 28.66
N PHE B 205 17.15 15.05 29.22
CA PHE B 205 16.21 16.16 29.13
C PHE B 205 15.08 16.00 30.16
N ASP B 206 14.73 17.11 30.82
CA ASP B 206 13.85 17.08 31.98
C ASP B 206 12.36 16.97 31.63
N LYS B 207 11.95 17.51 30.50
CA LYS B 207 10.53 17.52 30.17
C LYS B 207 10.29 17.73 28.68
N ALA B 208 9.75 16.72 28.02
CA ALA B 208 9.48 16.77 26.59
C ALA B 208 8.00 16.49 26.34
N PRO B 209 7.49 16.96 25.19
CA PRO B 209 6.08 16.67 24.89
C PRO B 209 5.82 15.18 24.86
N PRO B 210 4.59 14.76 25.18
CA PRO B 210 4.31 13.32 25.20
C PRO B 210 4.45 12.69 23.82
N ARG B 211 5.15 11.56 23.76
CA ARG B 211 5.34 10.81 22.51
C ARG B 211 6.08 11.63 21.44
N CYS B 212 6.84 12.62 21.87
CA CYS B 212 7.68 13.39 20.95
C CYS B 212 8.61 12.47 20.19
N ALA B 213 8.91 12.83 18.95
CA ALA B 213 9.83 12.06 18.13
C ALA B 213 11.22 12.10 18.75
N ILE B 214 11.99 11.03 18.57
CA ILE B 214 13.36 10.96 19.09
C ILE B 214 14.27 10.21 18.11
N ALA B 215 15.39 10.83 17.75
CA ALA B 215 16.36 10.19 16.85
C ALA B 215 17.77 10.60 17.25
N ALA B 216 18.72 9.68 17.06
CA ALA B 216 20.09 9.90 17.51
C ALA B 216 21.12 9.35 16.53
N THR B 217 22.31 9.95 16.56
CA THR B 217 23.42 9.53 15.72
C THR B 217 24.74 9.72 16.45
N ASN B 218 25.80 9.11 15.93
CA ASN B 218 27.14 9.31 16.47
C ASN B 218 28.14 9.51 15.35
N PHE B 219 29.25 10.17 15.66
CA PHE B 219 30.31 10.39 14.69
C PHE B 219 31.68 10.46 15.35
N ASN B 220 32.72 10.29 14.54
CA ASN B 220 34.11 10.29 15.00
C ASN B 220 34.33 9.45 16.24
N PRO B 221 34.11 8.13 16.13
CA PRO B 221 34.50 7.24 17.24
C PRO B 221 36.02 7.09 17.28
N GLY B 222 36.58 6.98 18.47
CA GLY B 222 38.02 6.86 18.63
C GLY B 222 38.42 5.96 19.78
N LYS B 223 39.56 6.25 20.39
CA LYS B 223 40.02 5.49 21.56
C LYS B 223 39.21 5.88 22.79
N SER B 224 38.25 5.03 23.15
CA SER B 224 37.40 5.26 24.33
C SER B 224 36.76 6.65 24.31
N SER B 225 36.49 7.13 23.10
CA SER B 225 35.91 8.46 22.91
C SER B 225 34.79 8.38 21.90
N ILE B 226 33.76 9.20 22.09
CA ILE B 226 32.62 9.23 21.19
C ILE B 226 31.94 10.59 21.19
N TYR B 227 31.30 10.92 20.07
CA TYR B 227 30.46 12.10 19.97
C TYR B 227 29.07 11.67 19.55
N MET B 228 28.05 12.16 20.25
CA MET B 228 26.68 11.78 19.97
C MET B 228 25.78 13.00 19.86
N ARG B 229 24.78 12.90 18.99
CA ARG B 229 23.74 13.90 18.85
C ARG B 229 22.38 13.23 18.96
N ILE B 230 21.53 13.77 19.83
CA ILE B 230 20.18 13.26 20.01
C ILE B 230 19.17 14.37 19.72
N TYR B 231 18.21 14.06 18.86
CA TYR B 231 17.22 15.04 18.42
C TYR B 231 15.82 14.64 18.85
N PHE B 232 15.01 15.62 19.20
CA PHE B 232 13.62 15.39 19.56
C PHE B 232 12.79 16.64 19.33
N VAL B 233 11.51 16.45 19.06
CA VAL B 233 10.58 17.57 18.89
C VAL B 233 10.19 18.13 20.25
N ASN B 234 10.47 19.41 20.47
CA ASN B 234 10.13 20.06 21.74
C ASN B 234 8.76 20.73 21.67
N SER B 235 8.36 21.32 22.79
CA SER B 235 7.02 21.89 22.91
C SER B 235 6.90 23.25 22.20
N ASP B 236 8.01 23.77 21.71
CA ASP B 236 7.99 25.00 20.92
C ASP B 236 7.87 24.70 19.43
N ASN B 237 7.51 23.46 19.11
CA ASN B 237 7.35 23.00 17.73
C ASN B 237 8.63 23.13 16.90
N THR B 238 9.76 22.88 17.56
CA THR B 238 11.05 22.82 16.87
C THR B 238 11.78 21.56 17.27
N ILE B 239 12.67 21.09 16.41
CA ILE B 239 13.61 20.04 16.78
C ILE B 239 14.68 20.64 17.67
N TRP B 240 14.87 20.06 18.85
CA TRP B 240 15.98 20.42 19.73
C TRP B 240 17.08 19.36 19.62
N GLN B 241 18.30 19.77 19.97
CA GLN B 241 19.47 18.92 19.87
C GLN B 241 20.19 18.82 21.21
N VAL B 242 20.54 17.59 21.60
CA VAL B 242 21.33 17.35 22.80
C VAL B 242 22.71 16.83 22.39
N CYS B 243 23.75 17.48 22.88
CA CYS B 243 25.12 17.14 22.50
C CYS B 243 25.87 16.35 23.57
N TRP B 244 26.41 15.21 23.17
CA TRP B 244 27.48 14.56 23.92
C TRP B 244 28.75 14.72 23.12
N ASP B 245 29.73 15.39 23.71
CA ASP B 245 31.05 15.53 23.11
C ASP B 245 32.10 15.01 24.08
N HIS B 246 33.02 14.20 23.57
CA HIS B 246 34.03 13.55 24.41
C HIS B 246 34.81 14.57 25.22
N GLY B 247 34.86 14.35 26.54
CA GLY B 247 35.56 15.24 27.44
C GLY B 247 34.65 16.24 28.13
N GLN B 248 33.43 16.37 27.60
CA GLN B 248 32.45 17.31 28.13
C GLN B 248 31.17 16.63 28.60
N GLY B 249 30.90 15.44 28.07
CA GLY B 249 29.67 14.74 28.39
C GLY B 249 28.46 15.44 27.78
N TYR B 250 27.30 15.29 28.42
CA TYR B 250 26.09 16.01 27.98
C TYR B 250 26.17 17.45 28.44
N HIS B 251 26.45 18.37 27.50
CA HIS B 251 26.83 19.73 27.86
C HIS B 251 26.12 20.82 27.08
N ASP B 252 25.17 20.47 26.21
CA ASP B 252 24.45 21.48 25.46
C ASP B 252 23.07 21.02 24.99
N LYS B 253 22.12 21.95 25.04
CA LYS B 253 20.78 21.76 24.52
C LYS B 253 20.37 23.02 23.76
N ARG B 254 19.96 22.87 22.51
CA ARG B 254 19.48 24.02 21.75
C ARG B 254 18.52 23.62 20.63
N THR B 255 17.65 24.55 20.26
CA THR B 255 16.75 24.34 19.12
C THR B 255 17.56 24.28 17.83
N ILE B 256 17.02 23.59 16.83
CA ILE B 256 17.71 23.40 15.56
C ILE B 256 16.91 24.03 14.41
N THR B 257 15.65 23.61 14.27
CA THR B 257 14.81 24.14 13.20
C THR B 257 13.33 23.90 13.49
N PRO B 258 12.45 24.80 13.02
CA PRO B 258 11.01 24.58 13.21
C PRO B 258 10.48 23.36 12.46
N VAL B 259 9.43 22.76 12.99
CA VAL B 259 8.75 21.64 12.33
C VAL B 259 7.24 21.77 12.55
N ILE B 260 6.46 20.97 11.83
CA ILE B 260 5.02 20.96 12.05
C ILE B 260 4.76 20.31 13.41
N GLN B 261 3.56 20.52 13.92
CA GLN B 261 3.14 19.91 15.18
C GLN B 261 3.16 18.39 15.05
N GLY B 262 3.97 17.74 15.87
CA GLY B 262 4.02 16.29 15.92
C GLY B 262 4.81 15.64 14.79
N SER B 263 5.67 16.40 14.14
CA SER B 263 6.54 15.85 13.09
C SER B 263 7.40 14.71 13.61
N GLU B 264 7.66 13.73 12.74
CA GLU B 264 8.64 12.70 13.02
C GLU B 264 9.99 13.18 12.50
N ILE B 265 11.06 12.49 12.88
CA ILE B 265 12.41 12.91 12.52
C ILE B 265 13.35 11.75 12.23
N ALA B 266 14.31 12.00 11.34
CA ALA B 266 15.38 11.04 11.06
C ALA B 266 16.72 11.76 10.98
N ILE B 267 17.77 11.09 11.45
CA ILE B 267 19.12 11.65 11.42
C ILE B 267 20.11 10.62 10.86
N ILE B 268 20.92 11.08 9.92
CA ILE B 268 22.06 10.32 9.45
C ILE B 268 23.28 11.23 9.54
N SER B 269 24.46 10.63 9.54
CA SER B 269 25.69 11.40 9.60
C SER B 269 26.86 10.63 9.01
N TRP B 270 27.87 11.37 8.56
CA TRP B 270 29.12 10.76 8.15
C TRP B 270 30.28 11.67 8.52
N GLU B 271 31.49 11.13 8.46
CA GLU B 271 32.65 11.79 9.04
C GLU B 271 32.97 13.13 8.39
N GLY B 272 33.28 14.10 9.25
CA GLY B 272 33.41 15.49 8.84
C GLY B 272 33.41 16.42 10.05
N PRO B 273 32.34 16.37 10.86
CA PRO B 273 31.11 15.58 10.70
C PRO B 273 30.08 16.26 9.80
N GLU B 274 29.39 15.46 8.99
CA GLU B 274 28.24 15.92 8.23
C GLU B 274 26.97 15.38 8.87
N LEU B 275 25.99 16.25 9.06
CA LEU B 275 24.70 15.87 9.62
C LEU B 275 23.59 16.15 8.63
N ARG B 276 22.59 15.27 8.60
CA ARG B 276 21.38 15.50 7.82
C ARG B 276 20.14 15.14 8.63
N LEU B 277 19.30 16.14 8.87
CA LEU B 277 17.99 15.92 9.51
C LEU B 277 16.89 15.92 8.46
N TYR B 278 15.92 15.03 8.63
CA TYR B 278 14.75 15.01 7.77
C TYR B 278 13.50 15.08 8.63
N PHE B 279 12.50 15.78 8.11
CA PHE B 279 11.34 16.17 8.91
C PHE B 279 10.31 16.86 8.03
N GLN B 280 9.23 17.31 8.65
CA GLN B 280 8.20 18.09 7.96
C GLN B 280 8.03 19.43 8.66
N ASN B 281 8.12 20.51 7.89
CA ASN B 281 7.96 21.85 8.45
C ASN B 281 6.89 22.66 7.72
N GLY B 282 6.08 21.97 6.93
CA GLY B 282 4.97 22.60 6.24
C GLY B 282 5.23 22.94 4.79
N THR B 283 6.45 22.69 4.33
CA THR B 283 6.80 22.94 2.93
C THR B 283 5.84 22.17 2.04
N TYR B 284 5.12 22.88 1.18
CA TYR B 284 4.08 22.28 0.35
C TYR B 284 3.15 21.44 1.23
N VAL B 285 2.93 21.92 2.45
CA VAL B 285 2.08 21.29 3.46
C VAL B 285 2.65 19.98 4.00
N SER B 286 2.87 18.98 3.13
CA SER B 286 3.22 17.64 3.59
C SER B 286 4.54 17.09 3.03
N ALA B 287 5.37 17.96 2.45
CA ALA B 287 6.65 17.51 1.91
C ALA B 287 7.68 17.34 3.02
N ILE B 288 8.64 16.46 2.80
CA ILE B 288 9.74 16.27 3.74
C ILE B 288 10.88 17.23 3.41
N SER B 289 11.34 17.96 4.42
CA SER B 289 12.42 18.91 4.27
C SER B 289 13.72 18.38 4.86
N GLU B 290 14.81 19.11 4.64
CA GLU B 290 16.13 18.69 5.10
C GLU B 290 16.87 19.81 5.83
N TRP B 291 17.61 19.44 6.86
CA TRP B 291 18.50 20.35 7.56
C TRP B 291 19.90 19.75 7.54
N THR B 292 20.91 20.58 7.33
CA THR B 292 22.28 20.12 7.14
C THR B 292 23.25 20.81 8.09
N TRP B 293 24.29 20.08 8.48
CA TRP B 293 25.41 20.68 9.18
C TRP B 293 26.73 20.11 8.66
N GLY B 294 27.63 21.02 8.30
CA GLY B 294 28.95 20.65 7.83
C GLY B 294 29.94 21.68 8.33
N LYS B 295 31.24 21.37 8.22
CA LYS B 295 32.27 22.28 8.71
C LYS B 295 32.25 23.58 7.91
N ALA B 296 31.92 23.50 6.63
CA ALA B 296 31.91 24.65 5.74
C ALA B 296 30.95 25.75 6.22
N HIS B 297 29.65 25.46 6.21
CA HIS B 297 28.63 26.49 6.40
C HIS B 297 27.85 26.36 7.71
N GLY B 298 28.13 25.32 8.49
CA GLY B 298 27.44 25.11 9.75
C GLY B 298 25.98 24.75 9.52
N SER B 299 25.09 25.33 10.32
CA SER B 299 23.67 25.01 10.22
C SER B 299 23.02 25.64 9.00
N GLN B 300 22.40 24.82 8.16
CA GLN B 300 21.70 25.27 6.96
C GLN B 300 20.54 24.35 6.62
N LEU B 301 19.41 24.93 6.21
CA LEU B 301 18.33 24.15 5.63
C LEU B 301 18.81 23.61 4.28
N GLY B 302 18.53 22.34 4.02
CA GLY B 302 18.93 21.70 2.78
C GLY B 302 17.79 21.63 1.78
N ARG B 303 17.67 20.48 1.12
CA ARG B 303 16.60 20.23 0.17
C ARG B 303 15.24 20.54 0.81
N ARG B 304 14.56 21.54 0.27
CA ARG B 304 13.32 22.06 0.86
C ARG B 304 12.17 21.06 0.77
N ALA B 305 12.12 20.30 -0.32
CA ALA B 305 11.03 19.38 -0.57
C ALA B 305 11.58 18.14 -1.25
N LEU B 306 11.70 17.06 -0.49
CA LEU B 306 12.24 15.81 -1.02
C LEU B 306 11.30 15.21 -2.04
N PRO B 307 11.86 14.51 -3.04
CA PRO B 307 11.01 13.77 -4.00
C PRO B 307 10.02 12.89 -3.24
N PRO B 308 8.80 12.73 -3.76
CA PRO B 308 8.27 13.19 -5.05
C PRO B 308 7.67 14.61 -5.02
N ALA B 309 7.95 15.37 -3.97
CA ALA B 309 7.33 16.69 -3.80
C ALA B 309 7.70 17.66 -4.92
N GLU B 310 8.95 17.57 -5.37
CA GLU B 310 9.44 18.41 -6.46
C GLU B 310 10.12 17.56 -7.53
N SER C 1 0.20 6.98 32.13
CA SER C 1 -0.99 6.68 31.36
C SER C 1 -1.87 5.65 32.09
N THR C 2 -2.91 5.18 31.40
CA THR C 2 -3.80 4.16 31.95
C THR C 2 -4.17 3.17 30.85
N PRO C 3 -4.44 1.91 31.22
CA PRO C 3 -4.84 0.88 30.25
C PRO C 3 -5.97 1.32 29.33
N GLY C 4 -6.96 2.02 29.88
CA GLY C 4 -8.09 2.49 29.11
C GLY C 4 -7.72 3.64 28.18
N ALA C 5 -6.86 4.53 28.66
CA ALA C 5 -6.44 5.67 27.86
C ALA C 5 -5.59 5.21 26.67
N GLN C 6 -4.83 4.14 26.86
CA GLN C 6 -3.95 3.62 25.81
C GLN C 6 -4.75 3.10 24.61
N GLU C 7 -6.04 2.85 24.82
CA GLU C 7 -6.90 2.35 23.76
C GLU C 7 -7.34 3.48 22.83
N VAL C 8 -7.35 4.70 23.35
CA VAL C 8 -7.68 5.88 22.57
C VAL C 8 -6.52 6.24 21.64
N LEU C 9 -6.82 6.42 20.36
CA LEU C 9 -5.79 6.73 19.38
C LEU C 9 -5.25 8.14 19.57
N PHE C 10 -3.93 8.26 19.55
CA PHE C 10 -3.26 9.55 19.66
C PHE C 10 -3.60 10.40 18.44
N ARG C 11 -4.04 11.63 18.67
CA ARG C 11 -4.50 12.52 17.61
C ARG C 11 -5.70 11.93 16.86
N THR C 12 -6.56 11.25 17.61
CA THR C 12 -7.80 10.70 17.07
C THR C 12 -8.76 11.80 16.61
N GLY C 13 -9.54 11.51 15.58
CA GLY C 13 -10.65 12.38 15.21
C GLY C 13 -11.64 12.42 16.35
N ILE C 14 -12.28 13.56 16.55
CA ILE C 14 -13.26 13.71 17.62
C ILE C 14 -14.53 14.35 17.09
N ALA C 15 -15.67 13.75 17.45
CA ALA C 15 -16.97 14.32 17.13
C ALA C 15 -17.91 14.18 18.33
N ALA C 16 -19.02 14.91 18.30
CA ALA C 16 -19.93 14.93 19.44
C ALA C 16 -21.30 15.49 19.06
N VAL C 17 -22.34 14.91 19.66
CA VAL C 17 -23.70 15.40 19.48
C VAL C 17 -24.34 15.54 20.85
N ASN C 18 -25.48 16.21 20.92
CA ASN C 18 -26.16 16.38 22.20
C ASN C 18 -27.62 16.78 22.08
N SER C 19 -28.35 16.56 23.18
CA SER C 19 -29.64 17.17 23.41
C SER C 19 -29.56 17.86 24.77
N THR C 20 -29.50 19.18 24.76
CA THR C 20 -29.09 19.97 25.92
C THR C 20 -27.85 19.36 26.57
N ASN C 21 -27.95 18.95 27.84
CA ASN C 21 -26.78 18.45 28.58
C ASN C 21 -26.71 16.92 28.61
N HIS C 22 -27.39 16.29 27.64
CA HIS C 22 -27.24 14.86 27.38
C HIS C 22 -26.28 14.71 26.20
N LEU C 23 -25.14 14.06 26.43
CA LEU C 23 -24.02 14.13 25.50
C LEU C 23 -23.55 12.78 24.97
N ARG C 24 -23.03 12.81 23.74
CA ARG C 24 -22.38 11.68 23.12
C ARG C 24 -21.08 12.14 22.48
N VAL C 25 -20.00 11.40 22.72
CA VAL C 25 -18.69 11.73 22.15
C VAL C 25 -18.15 10.53 21.39
N TYR C 26 -17.63 10.79 20.19
CA TYR C 26 -17.13 9.73 19.32
C TYR C 26 -15.65 9.91 19.01
N PHE C 27 -14.93 8.80 19.04
CA PHE C 27 -13.47 8.80 18.85
C PHE C 27 -13.02 7.44 18.31
N GLN C 28 -11.78 7.37 17.85
CA GLN C 28 -11.24 6.15 17.28
C GLN C 28 -10.22 5.51 18.22
N ASP C 29 -10.33 4.19 18.41
CA ASP C 29 -9.36 3.48 19.23
C ASP C 29 -8.16 3.05 18.40
N SER C 30 -7.15 2.48 19.06
CA SER C 30 -5.87 2.21 18.43
C SER C 30 -5.93 1.15 17.33
N HIS C 31 -7.03 0.38 17.29
CA HIS C 31 -7.20 -0.66 16.28
C HIS C 31 -8.20 -0.25 15.19
N GLY C 32 -8.56 1.03 15.17
CA GLY C 32 -9.31 1.58 14.06
C GLY C 32 -10.82 1.67 14.24
N SER C 33 -11.35 1.05 15.30
CA SER C 33 -12.79 1.08 15.54
C SER C 33 -13.24 2.42 16.12
N ILE C 34 -14.43 2.85 15.73
CA ILE C 34 -15.03 4.07 16.24
C ILE C 34 -15.93 3.76 17.42
N ARG C 35 -15.65 4.39 18.56
CA ARG C 35 -16.39 4.13 19.79
C ARG C 35 -17.27 5.31 20.21
N GLU C 36 -18.23 5.02 21.08
CA GLU C 36 -19.08 6.06 21.66
C GLU C 36 -18.92 6.09 23.17
N SER C 37 -18.69 7.30 23.69
CA SER C 37 -18.81 7.57 25.12
C SER C 37 -20.04 8.45 25.29
N LEU C 38 -20.71 8.32 26.43
CA LEU C 38 -21.92 9.11 26.67
C LEU C 38 -21.92 9.79 28.03
N TYR C 39 -22.66 10.90 28.10
CA TYR C 39 -22.91 11.58 29.35
C TYR C 39 -24.42 11.63 29.60
N GLU C 40 -24.86 10.89 30.60
CA GLU C 40 -26.24 10.92 31.05
C GLU C 40 -26.24 11.05 32.57
N SER C 41 -26.08 12.28 33.04
CA SER C 41 -25.85 12.57 34.46
C SER C 41 -24.60 11.84 34.94
N GLY C 42 -23.59 11.77 34.07
CA GLY C 42 -22.36 11.05 34.36
C GLY C 42 -21.77 10.38 33.13
N TRP C 43 -20.43 10.36 33.06
CA TRP C 43 -19.73 9.80 31.90
C TRP C 43 -19.67 8.27 31.98
N ALA C 44 -19.70 7.63 30.82
CA ALA C 44 -19.62 6.17 30.76
C ALA C 44 -19.23 5.65 29.38
N ASN C 45 -19.01 4.34 29.30
CA ASN C 45 -18.79 3.62 28.04
C ASN C 45 -17.45 3.97 27.38
N GLY C 46 -17.41 3.99 26.05
CA GLY C 46 -16.17 4.24 25.34
C GLY C 46 -15.26 3.03 25.30
N THR C 47 -15.81 1.86 25.61
CA THR C 47 -15.04 0.62 25.64
C THR C 47 -15.19 -0.16 24.33
N ALA C 48 -14.54 -1.32 24.27
CA ALA C 48 -14.58 -2.17 23.08
C ALA C 48 -16.00 -2.64 22.75
N LYS C 49 -16.89 -2.56 23.73
CA LYS C 49 -18.27 -3.00 23.56
C LYS C 49 -19.19 -1.86 23.12
N ASN C 50 -18.59 -0.70 22.86
CA ASN C 50 -19.33 0.49 22.43
C ASN C 50 -18.90 0.95 21.04
N VAL C 51 -18.63 -0.03 20.18
CA VAL C 51 -18.20 0.25 18.81
C VAL C 51 -19.41 0.41 17.89
N ILE C 52 -19.43 1.52 17.14
CA ILE C 52 -20.52 1.83 16.21
C ILE C 52 -20.07 1.72 14.76
N ALA C 53 -18.75 1.65 14.54
CA ALA C 53 -18.20 1.61 13.19
C ALA C 53 -16.74 1.21 13.21
N LYS C 54 -16.23 0.86 12.04
CA LYS C 54 -14.81 0.62 11.85
C LYS C 54 -14.34 1.39 10.62
N ALA C 55 -13.23 2.09 10.78
CA ALA C 55 -12.73 2.99 9.74
C ALA C 55 -11.22 2.90 9.64
N LYS C 56 -10.64 3.58 8.66
CA LYS C 56 -9.20 3.57 8.50
C LYS C 56 -8.52 4.35 9.62
N LEU C 57 -7.32 3.91 9.98
CA LEU C 57 -6.54 4.59 11.03
C LEU C 57 -6.31 6.04 10.67
N GLY C 58 -6.60 6.93 11.61
CA GLY C 58 -6.40 8.35 11.42
C GLY C 58 -7.54 9.02 10.68
N THR C 59 -8.66 8.30 10.56
CA THR C 59 -9.83 8.83 9.86
C THR C 59 -10.30 10.14 10.46
N PRO C 60 -10.92 11.00 9.62
CA PRO C 60 -11.67 12.13 10.18
C PRO C 60 -12.98 11.66 10.79
N LEU C 61 -13.52 12.41 11.74
CA LEU C 61 -14.84 12.12 12.29
C LEU C 61 -15.72 13.34 12.26
N ALA C 62 -16.99 13.13 11.94
CA ALA C 62 -17.98 14.18 12.00
C ALA C 62 -19.29 13.57 12.47
N ALA C 63 -20.06 14.34 13.23
CA ALA C 63 -21.33 13.86 13.72
C ALA C 63 -22.33 15.00 13.85
N THR C 64 -23.60 14.66 13.67
CA THR C 64 -24.69 15.60 13.82
C THR C 64 -25.90 14.82 14.29
N SER C 65 -26.88 15.50 14.87
CA SER C 65 -28.02 14.83 15.46
C SER C 65 -29.29 15.66 15.44
N LYS C 66 -30.42 14.98 15.64
CA LYS C 66 -31.68 15.63 15.97
C LYS C 66 -31.99 15.22 17.40
N GLU C 67 -31.66 16.09 18.35
CA GLU C 67 -31.59 15.72 19.75
C GLU C 67 -30.74 14.45 19.87
N LEU C 68 -31.26 13.43 20.57
CA LEU C 68 -30.62 12.11 20.59
C LEU C 68 -31.58 11.05 20.07
N LYS C 69 -32.46 11.46 19.14
CA LYS C 69 -33.40 10.55 18.52
C LYS C 69 -32.82 10.00 17.23
N ASN C 70 -32.11 10.85 16.51
CA ASN C 70 -31.40 10.45 15.30
C ASN C 70 -29.96 10.99 15.32
N ILE C 71 -29.00 10.07 15.28
CA ILE C 71 -27.58 10.43 15.28
C ILE C 71 -26.90 9.85 14.05
N ARG C 72 -26.04 10.66 13.42
CA ARG C 72 -25.26 10.22 12.27
C ARG C 72 -23.79 10.51 12.51
N VAL C 73 -22.94 9.50 12.33
CA VAL C 73 -21.50 9.62 12.54
C VAL C 73 -20.76 9.20 11.28
N TYR C 74 -19.97 10.12 10.73
CA TYR C 74 -19.32 9.93 9.44
C TYR C 74 -17.81 9.69 9.57
N SER C 75 -17.29 8.82 8.71
CA SER C 75 -15.87 8.49 8.70
C SER C 75 -15.44 8.02 7.31
N LEU C 76 -14.18 7.60 7.21
CA LEU C 76 -13.58 7.16 5.96
C LEU C 76 -13.18 5.68 5.99
N THR C 77 -13.58 4.94 4.96
CA THR C 77 -13.11 3.57 4.78
C THR C 77 -11.64 3.59 4.37
N GLU C 78 -11.02 2.41 4.33
CA GLU C 78 -9.62 2.33 3.95
C GLU C 78 -9.43 2.64 2.47
N ASP C 79 -10.54 2.69 1.72
CA ASP C 79 -10.49 3.09 0.33
C ASP C 79 -10.87 4.57 0.17
N ASN C 80 -10.91 5.29 1.29
CA ASN C 80 -11.24 6.71 1.30
C ASN C 80 -12.64 7.01 0.75
N VAL C 81 -13.59 6.13 1.07
CA VAL C 81 -14.97 6.37 0.71
C VAL C 81 -15.73 6.87 1.94
N LEU C 82 -16.55 7.91 1.74
CA LEU C 82 -17.39 8.43 2.80
C LEU C 82 -18.39 7.38 3.25
N GLN C 83 -18.39 7.08 4.54
CA GLN C 83 -19.31 6.11 5.12
C GLN C 83 -20.03 6.73 6.31
N GLU C 84 -21.13 6.10 6.73
CA GLU C 84 -22.01 6.68 7.72
C GLU C 84 -22.49 5.62 8.73
N ALA C 85 -22.26 5.91 10.00
CA ALA C 85 -22.88 5.14 11.07
C ALA C 85 -24.16 5.88 11.48
N ALA C 86 -25.26 5.14 11.63
CA ALA C 86 -26.57 5.74 11.86
C ALA C 86 -27.25 5.16 13.10
N TYR C 87 -27.73 6.05 13.97
CA TYR C 87 -28.60 5.66 15.06
C TYR C 87 -29.97 6.30 14.91
N ASP C 88 -31.01 5.48 15.02
CA ASP C 88 -32.38 5.96 15.11
C ASP C 88 -33.02 5.30 16.32
N SER C 89 -33.71 6.10 17.13
CA SER C 89 -34.34 5.60 18.34
C SER C 89 -35.34 4.50 18.02
N GLY C 90 -35.25 3.39 18.76
CA GLY C 90 -36.15 2.27 18.55
C GLY C 90 -35.70 1.38 17.40
N SER C 91 -34.51 1.64 16.87
CA SER C 91 -33.95 0.82 15.79
C SER C 91 -32.49 0.47 16.09
N GLY C 92 -31.81 1.35 16.82
CA GLY C 92 -30.43 1.12 17.20
C GLY C 92 -29.46 1.57 16.14
N TRP C 93 -28.23 1.06 16.23
CA TRP C 93 -27.18 1.43 15.29
C TRP C 93 -27.19 0.54 14.05
N TYR C 94 -26.96 1.15 12.89
CA TYR C 94 -26.84 0.42 11.64
C TYR C 94 -25.99 1.23 10.66
N ASN C 95 -25.63 0.60 9.54
CA ASN C 95 -24.86 1.28 8.51
C ASN C 95 -25.76 2.10 7.58
N GLY C 96 -25.46 3.39 7.48
CA GLY C 96 -26.23 4.28 6.65
C GLY C 96 -26.01 4.01 5.17
N ALA C 97 -26.84 4.63 4.34
CA ALA C 97 -26.81 4.38 2.90
C ALA C 97 -25.63 5.05 2.19
N LEU C 98 -24.90 5.90 2.91
CA LEU C 98 -23.88 6.76 2.30
C LEU C 98 -22.79 6.01 1.53
N ALA C 99 -22.21 4.99 2.16
CA ALA C 99 -21.09 4.28 1.54
C ALA C 99 -21.48 3.67 0.20
N GLY C 100 -22.74 3.26 0.08
CA GLY C 100 -23.22 2.67 -1.16
C GLY C 100 -23.17 3.64 -2.34
N ALA C 101 -23.08 4.93 -2.05
CA ALA C 101 -22.94 5.95 -3.09
C ALA C 101 -21.50 6.04 -3.60
N LYS C 102 -20.57 5.49 -2.83
CA LYS C 102 -19.15 5.49 -3.20
C LYS C 102 -18.63 6.88 -3.57
N PHE C 103 -18.79 7.85 -2.67
CA PHE C 103 -18.15 9.14 -2.84
C PHE C 103 -16.69 9.02 -2.39
N THR C 104 -15.77 9.04 -3.35
CA THR C 104 -14.34 8.92 -3.04
C THR C 104 -13.73 10.31 -2.86
N VAL C 105 -13.06 10.49 -1.73
CA VAL C 105 -12.44 11.76 -1.39
C VAL C 105 -10.94 11.59 -1.20
N ALA C 106 -10.22 12.70 -1.07
CA ALA C 106 -8.78 12.66 -0.85
C ALA C 106 -8.46 11.86 0.41
N PRO C 107 -7.28 11.21 0.45
CA PRO C 107 -6.89 10.46 1.64
C PRO C 107 -6.80 11.33 2.89
N TYR C 108 -6.47 12.60 2.69
CA TYR C 108 -6.30 13.56 3.79
C TYR C 108 -7.55 14.36 4.06
N SER C 109 -8.64 14.04 3.37
CA SER C 109 -9.88 14.80 3.50
C SER C 109 -10.47 14.72 4.89
N ARG C 110 -10.99 15.84 5.38
CA ARG C 110 -11.75 15.87 6.61
C ARG C 110 -13.24 15.70 6.29
N ILE C 111 -14.08 15.81 7.31
CA ILE C 111 -15.53 15.76 7.11
C ILE C 111 -16.25 16.76 8.01
N GLY C 112 -17.27 17.40 7.48
CA GLY C 112 -18.20 18.21 8.25
C GLY C 112 -19.61 17.76 7.95
N SER C 113 -20.51 17.87 8.93
CA SER C 113 -21.86 17.35 8.78
C SER C 113 -22.88 18.10 9.62
N VAL C 114 -24.04 18.36 9.03
CA VAL C 114 -25.16 18.96 9.74
C VAL C 114 -26.51 18.46 9.22
N PHE C 115 -27.43 18.22 10.14
CA PHE C 115 -28.85 18.15 9.81
C PHE C 115 -29.30 19.57 9.51
N LEU C 116 -30.15 19.74 8.51
CA LEU C 116 -30.72 21.05 8.25
C LEU C 116 -31.68 21.40 9.37
N ALA C 117 -31.44 22.55 9.99
CA ALA C 117 -32.24 23.00 11.12
C ALA C 117 -33.54 23.62 10.65
N GLY C 118 -34.56 23.52 11.48
CA GLY C 118 -35.83 24.18 11.20
C GLY C 118 -36.78 23.36 10.35
N THR C 119 -36.46 22.09 10.16
CA THR C 119 -37.39 21.16 9.50
C THR C 119 -37.52 19.89 10.34
N ASN C 120 -38.72 19.32 10.34
CA ASN C 120 -38.96 18.07 11.01
C ASN C 120 -38.42 16.90 10.17
N ALA C 121 -38.25 17.16 8.88
CA ALA C 121 -37.69 16.16 7.97
C ALA C 121 -36.21 15.98 8.25
N LEU C 122 -35.70 14.80 7.91
CA LEU C 122 -34.28 14.49 8.09
C LEU C 122 -33.51 14.80 6.81
N GLN C 123 -33.00 16.03 6.72
CA GLN C 123 -32.15 16.44 5.62
C GLN C 123 -30.72 16.65 6.11
N LEU C 124 -29.76 16.04 5.42
CA LEU C 124 -28.37 16.09 5.80
C LEU C 124 -27.52 16.79 4.76
N ARG C 125 -26.51 17.52 5.23
CA ARG C 125 -25.51 18.12 4.36
C ARG C 125 -24.12 17.75 4.87
N ILE C 126 -23.34 17.10 3.99
CA ILE C 126 -22.02 16.60 4.32
C ILE C 126 -20.97 17.34 3.50
N TYR C 127 -19.81 17.58 4.09
CA TYR C 127 -18.76 18.33 3.41
C TYR C 127 -17.41 17.64 3.52
N ALA C 128 -16.74 17.47 2.38
CA ALA C 128 -15.45 16.79 2.33
C ALA C 128 -14.62 17.33 1.18
N GLN C 129 -13.34 16.91 1.13
CA GLN C 129 -12.40 17.41 0.14
C GLN C 129 -12.07 16.34 -0.89
N LYS C 130 -12.41 16.59 -2.15
CA LYS C 130 -12.12 15.63 -3.22
C LYS C 130 -10.64 15.67 -3.57
N THR C 131 -10.23 14.82 -4.50
CA THR C 131 -8.82 14.70 -4.86
C THR C 131 -8.31 15.94 -5.58
N ASP C 132 -9.22 16.81 -6.00
CA ASP C 132 -8.85 18.09 -6.60
C ASP C 132 -8.82 19.20 -5.54
N ASN C 133 -8.90 18.80 -4.27
CA ASN C 133 -8.81 19.72 -3.13
C ASN C 133 -9.98 20.69 -3.01
N THR C 134 -11.03 20.48 -3.79
CA THR C 134 -12.24 21.31 -3.65
C THR C 134 -13.11 20.74 -2.55
N ILE C 135 -13.76 21.62 -1.80
CA ILE C 135 -14.70 21.21 -0.77
C ILE C 135 -16.05 20.92 -1.41
N GLN C 136 -16.46 19.66 -1.35
CA GLN C 136 -17.69 19.21 -1.98
C GLN C 136 -18.80 18.99 -0.97
N GLU C 137 -19.99 19.48 -1.27
CA GLU C 137 -21.17 19.22 -0.46
C GLU C 137 -21.90 17.99 -0.98
N TYR C 138 -22.27 17.10 -0.07
CA TYR C 138 -23.10 15.95 -0.38
C TYR C 138 -24.35 16.02 0.48
N MET C 139 -25.49 15.70 -0.12
CA MET C 139 -26.77 15.90 0.55
C MET C 139 -27.64 14.66 0.57
N TRP C 140 -28.42 14.56 1.63
CA TRP C 140 -29.51 13.61 1.72
C TRP C 140 -30.81 14.38 1.90
N ASN C 141 -31.76 14.18 0.98
CA ASN C 141 -33.07 14.83 1.05
C ASN C 141 -34.22 13.83 1.05
N GLY C 142 -33.92 12.59 1.40
CA GLY C 142 -34.95 11.58 1.57
C GLY C 142 -34.91 10.43 0.58
N ASP C 143 -34.45 10.72 -0.64
CA ASP C 143 -34.49 9.73 -1.71
C ASP C 143 -33.13 9.51 -2.38
N GLY C 144 -32.09 9.39 -1.56
CA GLY C 144 -30.78 9.03 -2.06
C GLY C 144 -29.74 10.13 -1.90
N TRP C 145 -28.50 9.74 -1.61
CA TRP C 145 -27.40 10.69 -1.53
C TRP C 145 -27.07 11.22 -2.91
N LYS C 146 -26.75 12.51 -2.99
CA LYS C 146 -26.33 13.14 -4.23
C LYS C 146 -25.40 14.31 -3.92
N GLU C 147 -24.52 14.64 -4.86
CA GLU C 147 -23.65 15.80 -4.70
C GLU C 147 -24.44 17.09 -4.72
N GLY C 148 -24.04 18.02 -3.86
CA GLY C 148 -24.63 19.35 -3.80
C GLY C 148 -23.73 20.38 -4.43
N THR C 149 -23.57 21.51 -3.73
CA THR C 149 -22.75 22.59 -4.21
C THR C 149 -21.27 22.33 -3.92
N ASN C 150 -20.41 22.78 -4.83
CA ASN C 150 -18.98 22.73 -4.61
C ASN C 150 -18.50 24.11 -4.17
N LEU C 151 -17.71 24.16 -3.09
CA LEU C 151 -17.38 25.42 -2.43
C LEU C 151 -15.98 25.93 -2.76
N GLY C 152 -15.33 25.32 -3.75
CA GLY C 152 -14.05 25.80 -4.24
C GLY C 152 -12.85 25.15 -3.60
N VAL C 153 -11.67 25.59 -4.01
CA VAL C 153 -10.41 24.98 -3.61
C VAL C 153 -10.03 25.30 -2.17
N ALA C 154 -9.45 24.31 -1.50
CA ALA C 154 -8.94 24.48 -0.14
C ALA C 154 -7.57 23.84 0.01
N LEU C 155 -6.90 24.15 1.11
CA LEU C 155 -5.61 23.55 1.41
C LEU C 155 -5.79 22.04 1.54
N PRO C 156 -4.89 21.24 0.92
CA PRO C 156 -4.98 19.79 1.07
C PRO C 156 -4.91 19.38 2.54
N GLY C 157 -5.95 18.70 3.03
CA GLY C 157 -5.99 18.27 4.41
C GLY C 157 -6.54 19.32 5.35
N THR C 158 -7.17 20.34 4.78
CA THR C 158 -7.80 21.41 5.55
C THR C 158 -8.81 20.85 6.55
N GLY C 159 -8.88 21.47 7.72
CA GLY C 159 -9.95 21.19 8.66
C GLY C 159 -11.26 21.68 8.06
N ILE C 160 -12.37 21.06 8.43
CA ILE C 160 -13.70 21.51 7.98
C ILE C 160 -14.64 21.72 9.15
N GLY C 161 -14.96 22.98 9.43
CA GLY C 161 -15.94 23.34 10.43
C GLY C 161 -17.22 23.79 9.76
N VAL C 162 -18.35 23.32 10.28
CA VAL C 162 -19.65 23.65 9.70
C VAL C 162 -20.71 23.73 10.80
N THR C 163 -21.65 24.66 10.63
CA THR C 163 -22.76 24.82 11.57
C THR C 163 -24.02 25.22 10.82
N CYS C 164 -25.17 24.92 11.39
CA CYS C 164 -26.45 25.17 10.73
C CYS C 164 -27.54 25.57 11.70
N TRP C 165 -28.28 26.63 11.36
CA TRP C 165 -29.41 27.09 12.16
C TRP C 165 -30.51 27.61 11.22
N ARG C 166 -31.64 28.00 11.81
CA ARG C 166 -32.69 28.71 11.09
C ARG C 166 -33.07 29.98 11.82
N TYR C 167 -32.93 31.11 11.13
CA TYR C 167 -33.40 32.38 11.66
C TYR C 167 -34.86 32.24 12.05
N THR C 168 -35.23 32.85 13.18
CA THR C 168 -36.59 32.74 13.71
C THR C 168 -37.67 33.05 12.68
N ASP C 169 -38.58 32.10 12.51
CA ASP C 169 -39.71 32.26 11.60
C ASP C 169 -39.29 32.61 10.18
N TYR C 170 -38.07 32.22 9.81
CA TYR C 170 -37.58 32.43 8.45
C TYR C 170 -37.89 31.19 7.61
N ASP C 171 -37.73 31.30 6.30
CA ASP C 171 -38.22 30.28 5.37
C ASP C 171 -37.12 29.38 4.79
N GLY C 172 -36.11 29.06 5.61
CA GLY C 172 -35.07 28.13 5.21
C GLY C 172 -33.86 28.20 6.12
N PRO C 173 -32.96 27.20 6.02
CA PRO C 173 -31.82 27.16 6.93
C PRO C 173 -30.64 28.00 6.45
N SER C 174 -29.85 28.48 7.40
CA SER C 174 -28.58 29.13 7.09
C SER C 174 -27.44 28.16 7.38
N ILE C 175 -26.43 28.14 6.51
CA ILE C 175 -25.28 27.27 6.69
C ILE C 175 -23.99 28.08 6.62
N ARG C 176 -23.07 27.79 7.52
CA ARG C 176 -21.75 28.39 7.50
C ARG C 176 -20.70 27.28 7.49
N VAL C 177 -19.76 27.39 6.56
CA VAL C 177 -18.70 26.40 6.39
C VAL C 177 -17.34 27.10 6.50
N TRP C 178 -16.47 26.58 7.36
CA TRP C 178 -15.15 27.14 7.57
C TRP C 178 -14.05 26.16 7.20
N PHE C 179 -13.07 26.64 6.44
CA PHE C 179 -11.90 25.83 6.09
C PHE C 179 -10.69 26.73 5.82
N GLN C 180 -9.55 26.10 5.57
CA GLN C 180 -8.29 26.79 5.36
C GLN C 180 -7.90 26.80 3.89
N THR C 181 -7.43 27.95 3.40
CA THR C 181 -7.06 28.09 2.00
C THR C 181 -5.54 27.97 1.82
N ASP C 182 -5.09 27.98 0.57
CA ASP C 182 -3.69 27.70 0.25
C ASP C 182 -2.73 28.69 0.88
N ASN C 183 -3.21 29.90 1.16
CA ASN C 183 -2.39 30.92 1.82
C ASN C 183 -2.40 30.76 3.35
N LEU C 184 -2.91 29.63 3.82
CA LEU C 184 -2.98 29.29 5.25
C LEU C 184 -3.93 30.20 6.04
N LYS C 185 -4.77 30.96 5.32
CA LYS C 185 -5.82 31.74 5.98
C LYS C 185 -7.02 30.86 6.33
N LEU C 186 -7.72 31.22 7.39
CA LEU C 186 -8.98 30.56 7.74
C LEU C 186 -10.14 31.42 7.27
N VAL C 187 -11.03 30.84 6.46
CA VAL C 187 -12.11 31.59 5.82
C VAL C 187 -13.49 30.99 6.07
N GLN C 188 -14.51 31.70 5.61
CA GLN C 188 -15.92 31.29 5.75
C GLN C 188 -16.65 31.27 4.41
N ARG C 189 -17.39 30.20 4.16
CA ARG C 189 -18.39 30.17 3.11
C ARG C 189 -19.77 30.22 3.76
N ALA C 190 -20.71 30.92 3.14
CA ALA C 190 -22.01 31.16 3.76
C ALA C 190 -23.18 30.90 2.81
N TYR C 191 -24.19 30.22 3.32
CA TYR C 191 -25.44 29.99 2.60
C TYR C 191 -26.62 30.58 3.36
N ASP C 192 -27.43 31.39 2.67
CA ASP C 192 -28.68 31.89 3.24
C ASP C 192 -29.84 31.52 2.30
N PRO C 193 -31.03 31.26 2.88
CA PRO C 193 -32.16 30.64 2.17
C PRO C 193 -32.58 31.27 0.84
N HIS C 194 -32.45 32.59 0.67
CA HIS C 194 -32.96 33.25 -0.51
C HIS C 194 -31.87 33.65 -1.49
N THR C 195 -30.68 33.91 -0.97
CA THR C 195 -29.55 34.35 -1.80
C THR C 195 -28.69 33.16 -2.23
N GLY C 196 -28.86 32.03 -1.57
CA GLY C 196 -28.03 30.87 -1.83
C GLY C 196 -26.66 31.04 -1.22
N TRP C 197 -25.65 30.47 -1.87
CA TRP C 197 -24.27 30.60 -1.41
C TRP C 197 -23.68 31.95 -1.85
N TYR C 198 -23.30 32.79 -0.89
CA TYR C 198 -22.62 34.03 -1.20
C TYR C 198 -21.33 33.74 -1.96
N LYS C 199 -20.96 34.61 -2.88
CA LYS C 199 -19.69 34.48 -3.60
C LYS C 199 -18.51 34.82 -2.70
N GLU C 200 -18.77 35.66 -1.70
CA GLU C 200 -17.73 36.15 -0.83
C GLU C 200 -17.11 35.07 0.07
N LEU C 201 -15.78 34.98 0.02
CA LEU C 201 -15.02 34.28 1.05
C LEU C 201 -14.63 35.31 2.11
N THR C 202 -14.96 35.03 3.38
CA THR C 202 -14.66 35.94 4.47
C THR C 202 -13.59 35.36 5.41
N THR C 203 -12.48 36.08 5.55
CA THR C 203 -11.38 35.66 6.42
C THR C 203 -11.71 35.85 7.89
N ILE C 204 -11.50 34.81 8.69
CA ILE C 204 -11.70 34.88 10.14
C ILE C 204 -10.38 34.78 10.89
N PHE C 205 -9.31 34.38 10.19
CA PHE C 205 -7.99 34.34 10.78
C PHE C 205 -6.91 34.36 9.69
N ASP C 206 -5.85 35.12 9.93
CA ASP C 206 -4.90 35.46 8.87
C ASP C 206 -3.83 34.39 8.62
N LYS C 207 -3.49 33.59 9.62
CA LYS C 207 -2.52 32.53 9.43
C LYS C 207 -2.63 31.48 10.52
N ALA C 208 -2.92 30.25 10.11
CA ALA C 208 -3.07 29.14 11.03
C ALA C 208 -2.16 27.99 10.61
N PRO C 209 -1.83 27.10 11.56
CA PRO C 209 -0.99 25.93 11.22
C PRO C 209 -1.59 25.09 10.11
N PRO C 210 -0.75 24.47 9.26
CA PRO C 210 -1.27 23.65 8.16
C PRO C 210 -2.07 22.45 8.65
N ARG C 211 -3.25 22.26 8.07
CA ARG C 211 -4.15 21.16 8.43
C ARG C 211 -4.54 21.20 9.89
N CYS C 212 -4.57 22.39 10.47
CA CYS C 212 -5.04 22.55 11.85
C CYS C 212 -6.50 22.15 11.94
N ALA C 213 -6.88 21.62 13.10
CA ALA C 213 -8.27 21.24 13.32
C ALA C 213 -9.15 22.48 13.31
N ILE C 214 -10.38 22.33 12.81
CA ILE C 214 -11.37 23.39 12.79
C ILE C 214 -12.73 22.83 13.19
N ALA C 215 -13.41 23.52 14.10
CA ALA C 215 -14.73 23.11 14.54
C ALA C 215 -15.55 24.32 15.02
N ALA C 216 -16.83 24.32 14.69
CA ALA C 216 -17.68 25.48 14.97
C ALA C 216 -19.08 25.10 15.46
N THR C 217 -19.73 26.07 16.09
CA THR C 217 -21.08 25.88 16.62
C THR C 217 -21.84 27.21 16.58
N ASN C 218 -23.11 27.18 16.92
CA ASN C 218 -23.89 28.41 17.03
C ASN C 218 -24.93 28.29 18.15
N PHE C 219 -25.43 29.44 18.59
CA PHE C 219 -26.49 29.46 19.60
C PHE C 219 -27.36 30.71 19.54
N ASN C 220 -28.48 30.64 20.23
CA ASN C 220 -29.45 31.73 20.33
C ASN C 220 -29.75 32.42 19.00
N PRO C 221 -30.29 31.66 18.03
CA PRO C 221 -30.74 32.30 16.80
C PRO C 221 -31.95 33.20 17.06
N GLY C 222 -32.05 34.30 16.33
CA GLY C 222 -33.20 35.18 16.41
C GLY C 222 -33.78 35.43 15.04
N LYS C 223 -34.55 36.50 14.91
CA LYS C 223 -35.24 36.81 13.67
C LYS C 223 -34.27 37.22 12.55
N SER C 224 -33.14 37.81 12.95
CA SER C 224 -32.09 38.18 12.01
C SER C 224 -30.74 38.22 12.71
N SER C 225 -30.63 37.47 13.81
CA SER C 225 -29.45 37.47 14.65
C SER C 225 -28.94 36.05 14.87
N ILE C 226 -27.62 35.92 15.00
CA ILE C 226 -27.01 34.63 15.31
C ILE C 226 -25.74 34.85 16.12
N TYR C 227 -25.38 33.84 16.91
CA TYR C 227 -24.11 33.84 17.63
C TYR C 227 -23.34 32.57 17.28
N MET C 228 -22.11 32.75 16.81
CA MET C 228 -21.28 31.63 16.36
C MET C 228 -19.93 31.62 17.06
N ARG C 229 -19.45 30.40 17.33
CA ARG C 229 -18.11 30.20 17.89
C ARG C 229 -17.35 29.26 16.97
N ILE C 230 -16.16 29.69 16.55
CA ILE C 230 -15.28 28.86 15.73
C ILE C 230 -14.00 28.57 16.48
N TYR C 231 -13.63 27.30 16.52
CA TYR C 231 -12.45 26.84 17.25
C TYR C 231 -11.44 26.20 16.33
N PHE C 232 -10.16 26.45 16.58
CA PHE C 232 -9.10 25.86 15.80
C PHE C 232 -7.81 25.78 16.62
N VAL C 233 -6.96 24.83 16.24
CA VAL C 233 -5.67 24.63 16.90
C VAL C 233 -4.66 25.61 16.32
N ASN C 234 -4.15 26.51 17.15
CA ASN C 234 -3.22 27.52 16.69
C ASN C 234 -1.77 27.05 16.82
N SER C 235 -0.84 27.93 16.47
CA SER C 235 0.58 27.58 16.43
C SER C 235 1.23 27.56 17.82
N ASP C 236 0.53 28.06 18.83
CA ASP C 236 1.02 28.01 20.20
C ASP C 236 0.54 26.75 20.91
N ASN C 237 0.15 25.74 20.12
CA ASN C 237 -0.35 24.48 20.66
C ASN C 237 -1.53 24.67 21.60
N THR C 238 -2.41 25.61 21.27
CA THR C 238 -3.66 25.78 22.01
C THR C 238 -4.85 25.93 21.07
N ILE C 239 -6.03 25.63 21.57
CA ILE C 239 -7.26 25.92 20.86
C ILE C 239 -7.56 27.41 20.97
N TRP C 240 -7.78 28.06 19.84
CA TRP C 240 -8.18 29.46 19.81
C TRP C 240 -9.64 29.56 19.40
N GLN C 241 -10.30 30.62 19.87
CA GLN C 241 -11.73 30.83 19.64
C GLN C 241 -11.97 32.09 18.83
N VAL C 242 -12.84 31.99 17.83
CA VAL C 242 -13.28 33.14 17.06
C VAL C 242 -14.77 33.35 17.29
N CYS C 243 -15.14 34.54 17.76
CA CYS C 243 -16.51 34.85 18.12
C CYS C 243 -17.23 35.68 17.07
N TRP C 244 -18.41 35.22 16.66
CA TRP C 244 -19.39 36.10 16.02
C TRP C 244 -20.49 36.33 17.03
N ASP C 245 -20.73 37.60 17.34
CA ASP C 245 -21.85 37.99 18.20
C ASP C 245 -22.64 39.07 17.49
N HIS C 246 -23.97 38.95 17.53
CA HIS C 246 -24.86 39.82 16.79
C HIS C 246 -24.63 41.30 17.14
N GLY C 247 -24.47 42.13 16.10
CA GLY C 247 -24.24 43.54 16.28
C GLY C 247 -22.76 43.89 16.41
N GLN C 248 -21.92 42.87 16.49
CA GLN C 248 -20.48 43.05 16.62
C GLN C 248 -19.72 42.36 15.49
N GLY C 249 -20.36 41.39 14.84
CA GLY C 249 -19.70 40.62 13.80
C GLY C 249 -18.56 39.81 14.38
N TYR C 250 -17.55 39.53 13.56
CA TYR C 250 -16.35 38.86 14.04
C TYR C 250 -15.49 39.88 14.80
N HIS C 251 -15.46 39.75 16.13
CA HIS C 251 -14.88 40.80 16.96
C HIS C 251 -13.90 40.32 18.04
N ASP C 252 -13.67 39.01 18.14
CA ASP C 252 -12.78 38.51 19.19
C ASP C 252 -12.01 37.24 18.81
N LYS C 253 -10.73 37.23 19.19
CA LYS C 253 -9.86 36.08 19.01
C LYS C 253 -9.03 35.87 20.27
N ARG C 254 -9.12 34.70 20.87
CA ARG C 254 -8.34 34.41 22.07
C ARG C 254 -8.04 32.92 22.24
N THR C 255 -6.96 32.63 22.96
CA THR C 255 -6.62 31.27 23.33
C THR C 255 -7.66 30.73 24.32
N ILE C 256 -7.92 29.43 24.27
CA ILE C 256 -8.93 28.81 25.12
C ILE C 256 -8.34 27.78 26.07
N THR C 257 -7.62 26.80 25.54
CA THR C 257 -7.00 25.78 26.38
C THR C 257 -5.85 25.08 25.65
N PRO C 258 -4.80 24.68 26.37
CA PRO C 258 -3.69 23.95 25.73
C PRO C 258 -4.08 22.56 25.22
N VAL C 259 -3.45 22.12 24.14
CA VAL C 259 -3.63 20.78 23.62
C VAL C 259 -2.30 20.20 23.17
N ILE C 260 -2.25 18.89 22.97
CA ILE C 260 -1.08 18.26 22.37
C ILE C 260 -0.92 18.78 20.96
N GLN C 261 0.28 18.66 20.43
CA GLN C 261 0.54 19.00 19.03
C GLN C 261 -0.37 18.19 18.11
N GLY C 262 -1.03 18.87 17.18
CA GLY C 262 -1.86 18.22 16.20
C GLY C 262 -3.15 17.62 16.72
N SER C 263 -3.57 18.04 17.92
CA SER C 263 -4.83 17.57 18.48
C SER C 263 -6.00 17.88 17.56
N GLU C 264 -6.96 16.97 17.51
CA GLU C 264 -8.24 17.27 16.87
C GLU C 264 -9.14 17.93 17.91
N ILE C 265 -10.30 18.41 17.49
CA ILE C 265 -11.23 19.07 18.41
C ILE C 265 -12.68 18.79 18.04
N ALA C 266 -13.55 18.90 19.05
CA ALA C 266 -14.99 18.79 18.85
C ALA C 266 -15.70 19.75 19.76
N ILE C 267 -16.79 20.33 19.28
CA ILE C 267 -17.55 21.33 20.03
C ILE C 267 -19.04 21.08 19.90
N ILE C 268 -19.71 21.06 21.04
CA ILE C 268 -21.17 21.07 21.09
C ILE C 268 -21.61 22.21 21.99
N SER C 269 -22.88 22.58 21.85
CA SER C 269 -23.46 23.64 22.67
C SER C 269 -24.96 23.44 22.83
N TRP C 270 -25.53 24.11 23.82
CA TRP C 270 -26.98 24.22 23.94
C TRP C 270 -27.32 25.53 24.64
N GLU C 271 -28.58 25.93 24.54
CA GLU C 271 -28.99 27.27 24.94
C GLU C 271 -28.67 27.57 26.41
N GLY C 272 -28.23 28.80 26.64
CA GLY C 272 -27.70 29.21 27.92
C GLY C 272 -26.91 30.50 27.79
N PRO C 273 -25.83 30.50 27.00
CA PRO C 273 -25.29 29.36 26.25
C PRO C 273 -24.37 28.46 27.06
N GLU C 274 -24.39 27.16 26.77
CA GLU C 274 -23.44 26.21 27.35
C GLU C 274 -22.54 25.69 26.23
N LEU C 275 -21.25 25.60 26.50
CA LEU C 275 -20.27 25.11 25.53
C LEU C 275 -19.50 23.93 26.10
N ARG C 276 -19.17 22.97 25.25
CA ARG C 276 -18.33 21.84 25.63
C ARG C 276 -17.32 21.54 24.53
N LEU C 277 -16.04 21.64 24.87
CA LEU C 277 -14.95 21.33 23.95
C LEU C 277 -14.35 19.97 24.29
N TYR C 278 -13.95 19.22 23.25
CA TYR C 278 -13.25 17.96 23.46
C TYR C 278 -11.99 17.93 22.60
N PHE C 279 -10.95 17.30 23.14
CA PHE C 279 -9.62 17.41 22.58
C PHE C 279 -8.68 16.51 23.38
N GLN C 280 -7.41 16.53 23.03
CA GLN C 280 -6.37 15.85 23.79
C GLN C 280 -5.33 16.88 24.24
N ASN C 281 -5.01 16.88 25.53
CA ASN C 281 -3.98 17.77 26.06
C ASN C 281 -2.88 17.02 26.81
N GLY C 282 -2.87 15.70 26.68
CA GLY C 282 -1.80 14.89 27.24
C GLY C 282 -2.18 14.19 28.53
N THR C 283 -3.42 14.37 28.98
CA THR C 283 -3.91 13.66 30.16
C THR C 283 -3.82 12.15 29.91
N TYR C 284 -3.10 11.45 30.78
CA TYR C 284 -2.84 10.02 30.60
C TYR C 284 -2.29 9.78 29.19
N VAL C 285 -1.53 10.76 28.71
CA VAL C 285 -0.94 10.75 27.37
C VAL C 285 -1.99 10.88 26.26
N SER C 286 -2.91 9.93 26.16
CA SER C 286 -3.81 9.85 25.01
C SER C 286 -5.30 9.98 25.32
N ALA C 287 -5.65 10.30 26.56
CA ALA C 287 -7.05 10.44 26.93
C ALA C 287 -7.65 11.71 26.34
N ILE C 288 -8.97 11.74 26.22
CA ILE C 288 -9.69 12.91 25.75
C ILE C 288 -10.14 13.75 26.94
N SER C 289 -9.93 15.05 26.86
CA SER C 289 -10.28 15.99 27.94
C SER C 289 -11.42 16.92 27.52
N GLU C 290 -12.05 17.54 28.51
CA GLU C 290 -13.20 18.42 28.27
C GLU C 290 -12.99 19.82 28.84
N TRP C 291 -13.33 20.82 28.05
CA TRP C 291 -13.38 22.21 28.51
C TRP C 291 -14.81 22.72 28.41
N THR C 292 -15.25 23.49 29.41
CA THR C 292 -16.65 23.91 29.50
C THR C 292 -16.82 25.42 29.61
N TRP C 293 -17.98 25.90 29.20
CA TRP C 293 -18.39 27.27 29.47
C TRP C 293 -19.88 27.34 29.74
N GLY C 294 -20.23 28.03 30.83
CA GLY C 294 -21.60 28.34 31.15
C GLY C 294 -21.65 29.71 31.83
N LYS C 295 -22.85 30.23 32.03
CA LYS C 295 -23.01 31.52 32.71
C LYS C 295 -22.55 31.45 34.16
N ALA C 296 -22.77 30.31 34.80
CA ALA C 296 -22.45 30.15 36.22
C ALA C 296 -20.94 30.29 36.49
N HIS C 297 -20.13 29.45 35.87
CA HIS C 297 -18.70 29.38 36.17
C HIS C 297 -17.80 29.99 35.08
N GLY C 298 -18.39 30.38 33.96
CA GLY C 298 -17.61 30.88 32.84
C GLY C 298 -16.65 29.83 32.32
N SER C 299 -15.45 30.24 31.96
CA SER C 299 -14.44 29.30 31.45
C SER C 299 -14.01 28.33 32.56
N GLN C 300 -14.19 27.03 32.31
CA GLN C 300 -13.92 26.01 33.31
C GLN C 300 -13.62 24.65 32.67
N LEU C 301 -12.47 24.08 33.02
CA LEU C 301 -12.11 22.74 32.60
C LEU C 301 -13.08 21.72 33.17
N GLY C 302 -13.46 20.74 32.34
CA GLY C 302 -14.42 19.72 32.74
C GLY C 302 -13.77 18.38 32.97
N ARG C 303 -14.42 17.32 32.49
CA ARG C 303 -13.90 15.97 32.60
C ARG C 303 -12.50 15.91 32.03
N ARG C 304 -11.54 15.47 32.84
CA ARG C 304 -10.13 15.54 32.49
C ARG C 304 -9.71 14.33 31.67
N ALA C 305 -10.39 13.21 31.89
CA ALA C 305 -10.16 12.01 31.11
C ALA C 305 -11.48 11.29 30.87
N LEU C 306 -12.01 11.42 29.66
CA LEU C 306 -13.24 10.73 29.28
C LEU C 306 -13.05 9.22 29.33
N PRO C 307 -14.14 8.47 29.54
CA PRO C 307 -14.11 7.01 29.39
C PRO C 307 -13.59 6.62 28.01
N PRO C 308 -12.84 5.51 27.91
CA PRO C 308 -12.56 4.49 28.91
C PRO C 308 -11.33 4.77 29.79
N ALA C 309 -10.80 5.99 29.73
CA ALA C 309 -9.58 6.31 30.46
C ALA C 309 -9.77 6.13 31.98
N GLU C 310 -10.94 6.56 32.47
CA GLU C 310 -11.28 6.45 33.88
C GLU C 310 -12.71 5.97 34.05
C1 SFU D . 13.21 -40.50 -24.49
C2 SFU D . 13.48 -39.75 -25.79
C3 SFU D . 12.25 -39.86 -26.73
C4 SFU D . 11.07 -39.25 -25.98
C5 SFU D . 10.77 -39.96 -24.64
C6 SFU D . 9.76 -39.18 -23.83
O2 SFU D . 14.55 -40.29 -26.56
O3 SFU D . 12.47 -39.13 -27.92
O4 SFU D . 11.28 -37.85 -25.81
O5 SFU D . 11.97 -40.22 -23.84
CM SFU D . 12.33 -43.17 -23.33
SE SFU D . 13.35 -42.46 -24.85
H1 SFU D . 14.05 -40.29 -23.78
H2 SFU D . 13.69 -38.67 -25.55
H3 SFU D . 12.05 -40.94 -26.97
HO2 SFU D . 15.35 -39.80 -26.32
H4 SFU D . 10.18 -39.40 -26.66
HO3 SFU D . 13.42 -38.94 -27.96
H5 SFU D . 10.38 -41.00 -24.86
HO4 SFU D . 10.54 -37.42 -26.25
H61 SFU D . 8.87 -39.82 -23.63
H62 SFU D . 10.21 -38.83 -22.87
H63 SFU D . 9.40 -38.27 -24.39
HM1 SFU D . 12.23 -44.26 -23.45
HM2 SFU D . 11.33 -42.68 -23.32
HM3 SFU D . 12.92 -42.90 -22.44
C1 SFU E . -2.12 -43.11 -32.34
C2 SFU E . -2.03 -42.11 -33.48
C3 SFU E . -3.37 -41.36 -33.63
C4 SFU E . -3.65 -40.68 -32.28
C5 SFU E . -3.79 -41.74 -31.17
C6 SFU E . -4.08 -41.10 -29.82
O2 SFU E . -1.81 -42.69 -34.76
O3 SFU E . -3.29 -40.38 -34.64
O4 SFU E . -2.63 -39.73 -32.00
O5 SFU E . -2.61 -42.58 -31.10
CM SFU E . -3.19 -45.70 -31.28
SE SFU E . -3.31 -44.60 -32.90
H1 SFU E . -1.12 -43.59 -32.17
H2 SFU E . -1.20 -41.38 -33.27
H3 SFU E . -4.19 -42.09 -33.88
HO2 SFU E . -0.86 -42.70 -34.92
H4 SFU E . -4.64 -40.15 -32.41
HO3 SFU E . -3.70 -40.76 -35.43
H5 SFU E . -4.60 -42.46 -31.44
HO4 SFU E . -2.95 -38.90 -32.35
H61 SFU E . -3.30 -40.33 -29.59
H62 SFU E . -5.10 -40.63 -29.81
H63 SFU E . -4.04 -41.86 -28.99
HM1 SFU E . -3.88 -46.56 -31.38
HM2 SFU E . -2.14 -46.03 -31.16
HM3 SFU E . -3.50 -45.02 -30.46
C1 SFU F . -16.78 -33.51 -28.30
C2 SFU F . -16.61 -32.32 -29.25
C3 SFU F . -16.59 -30.99 -28.46
C4 SFU F . -15.45 -31.12 -27.43
C5 SFU F . -15.73 -32.29 -26.47
C6 SFU F . -14.69 -32.38 -25.38
O2 SFU F . -17.68 -32.18 -30.18
O3 SFU F . -16.34 -29.90 -29.34
O4 SFU F . -14.20 -31.29 -28.12
O5 SFU F . -15.85 -33.53 -27.20
CM SFU F . -18.49 -35.04 -26.38
SE SFU F . -18.63 -33.49 -27.58
H1 SFU F . -16.70 -34.47 -28.87
H2 SFU F . -15.65 -32.45 -29.82
H3 SFU F . -17.57 -30.84 -27.93
HO2 SFU F . -17.51 -32.78 -30.92
H4 SFU F . -15.44 -30.15 -26.85
HO3 SFU F . -16.59 -30.20 -30.23
H5 SFU F . -16.76 -32.15 -26.03
HO4 SFU F . -13.69 -30.49 -27.92
H61 SFU F . -15.10 -32.95 -24.52
H62 SFU F . -13.76 -32.88 -25.76
H63 SFU F . -14.40 -31.37 -25.00
HM1 SFU F . -17.64 -34.88 -25.70
HM2 SFU F . -18.34 -35.94 -27.00
HM3 SFU F . -19.45 -35.06 -25.84
C1 SFU G . 1.68 -14.92 -10.13
C2 SFU G . 2.33 -14.29 -11.37
C3 SFU G . 3.61 -15.09 -11.78
C4 SFU G . 3.20 -16.57 -11.90
C5 SFU G . 2.58 -17.13 -10.61
C6 SFU G . 2.22 -18.59 -10.71
O2 SFU G . 2.77 -12.95 -11.19
O3 SFU G . 4.11 -14.63 -13.02
O4 SFU G . 2.32 -16.72 -13.00
O5 SFU G . 1.44 -16.33 -10.24
CM SFU G . 1.55 -15.23 -7.18
SE SFU G . 2.83 -14.61 -8.53
H1 SFU G . 0.73 -14.39 -9.90
H2 SFU G . 1.58 -14.32 -12.22
H3 SFU G . 4.39 -14.97 -10.99
HO2 SFU G . 2.04 -12.36 -11.44
H4 SFU G . 4.16 -17.14 -12.13
HO3 SFU G . 5.05 -14.45 -12.91
H5 SFU G . 3.30 -16.95 -9.75
HO4 SFU G . 2.82 -17.19 -13.67
H61 SFU G . 3.08 -19.15 -11.15
H62 SFU G . 1.96 -19.00 -9.71
H63 SFU G . 1.35 -18.74 -11.39
HM1 SFU G . 1.22 -16.26 -7.44
HM2 SFU G . 2.03 -15.20 -6.19
HM3 SFU G . 0.70 -14.52 -7.25
C1 SFU H . 15.44 -25.56 -13.40
C2 SFU H . 15.89 -24.97 -14.74
C3 SFU H . 16.14 -26.10 -15.79
C4 SFU H . 14.84 -26.90 -15.86
C5 SFU H . 14.55 -27.55 -14.50
C6 SFU H . 13.38 -28.49 -14.55
O2 SFU H . 17.12 -24.27 -14.68
O3 SFU H . 16.45 -25.59 -17.07
O4 SFU H . 13.77 -26.06 -16.29
O5 SFU H . 14.39 -26.52 -13.48
CM SFU H . 16.28 -26.61 -10.72
SE SFU H . 17.03 -26.39 -12.51
H1 SFU H . 15.15 -24.74 -12.72
H2 SFU H . 15.09 -24.27 -15.12
H3 SFU H . 16.98 -26.77 -15.44
HO2 SFU H . 16.92 -23.34 -14.44
H4 SFU H . 15.00 -27.71 -16.63
HO3 SFU H . 17.39 -25.39 -17.08
H5 SFU H . 15.48 -28.10 -14.15
HO4 SFU H . 13.62 -26.28 -17.21
H61 SFU H . 13.26 -29.00 -13.56
H62 SFU H . 13.51 -29.26 -15.34
H63 SFU H . 12.42 -27.95 -14.75
HM1 SFU H . 17.01 -27.16 -10.08
HM2 SFU H . 16.07 -25.62 -10.30
HM3 SFU H . 15.36 -27.21 -10.86
S SO4 I . 22.01 -28.08 -17.37
O1 SO4 I . 23.22 -27.37 -17.80
O2 SO4 I . 22.31 -28.85 -16.16
O3 SO4 I . 20.97 -27.10 -17.06
O4 SO4 I . 21.57 -28.98 -18.42
S SO4 J . -14.92 -6.57 -24.82
O1 SO4 J . -13.68 -6.18 -25.48
O2 SO4 J . -14.62 -7.52 -23.74
O3 SO4 J . -15.58 -5.39 -24.26
O4 SO4 J . -15.81 -7.21 -25.80
S SO4 K . 8.09 -12.41 -9.21
O1 SO4 K . 9.29 -11.82 -9.80
O2 SO4 K . 8.50 -13.32 -8.13
O3 SO4 K . 7.23 -11.36 -8.67
O4 SO4 K . 7.36 -13.17 -10.23
C1 SFU L . 19.81 1.63 -5.60
C2 SFU L . 18.32 1.57 -5.20
C3 SFU L . 18.07 0.45 -4.16
C4 SFU L . 19.03 0.70 -3.00
C5 SFU L . 20.49 0.64 -3.48
C6 SFU L . 21.49 0.76 -2.34
O2 SFU L . 17.46 1.25 -6.29
O3 SFU L . 16.73 0.53 -3.70
O4 SFU L . 18.71 1.95 -2.40
O5 SFU L . 20.71 1.65 -4.49
CM SFU L . 22.18 0.02 -6.51
SE SFU L . 20.24 0.08 -6.76
H1 SFU L . 19.99 2.53 -6.25
H2 SFU L . 18.03 2.57 -4.79
H3 SFU L . 18.26 -0.55 -4.61
HO2 SFU L . 16.88 2.01 -6.44
H4 SFU L . 18.85 -0.12 -2.25
HO3 SFU L . 16.35 1.34 -4.05
H5 SFU L . 20.65 -0.32 -4.04
HO4 SFU L . 18.43 1.74 -1.51
H61 SFU L . 21.00 0.41 -1.40
H62 SFU L . 22.40 0.16 -2.55
H63 SFU L . 21.80 1.82 -2.20
HM1 SFU L . 22.63 0.94 -6.92
HM2 SFU L . 22.39 -0.07 -5.42
HM3 SFU L . 22.50 -0.87 -7.07
C1 SFU M . 18.31 -11.54 5.98
C2 SFU M . 17.00 -11.25 6.72
C3 SFU M . 17.23 -11.28 8.26
C4 SFU M . 18.35 -10.29 8.56
C5 SFU M . 19.64 -10.74 7.86
C6 SFU M . 20.83 -9.87 8.25
O2 SFU M . 15.98 -12.20 6.50
O3 SFU M . 16.04 -10.91 8.94
O4 SFU M . 17.96 -8.97 8.18
O5 SFU M . 19.44 -10.79 6.43
CM SFU M . 18.79 -13.85 4.19
SE SFU M . 18.72 -13.48 6.12
H1 SFU M . 18.16 -11.36 4.89
H2 SFU M . 16.62 -10.24 6.42
H3 SFU M . 17.53 -12.32 8.57
HO2 SFU M . 15.48 -11.93 5.71
H4 SFU M . 18.51 -10.32 9.68
HO3 SFU M . 15.39 -11.62 8.80
H5 SFU M . 19.85 -11.82 8.12
HO4 SFU M . 17.48 -8.62 8.94
H61 SFU M . 20.68 -8.83 7.85
H62 SFU M . 20.96 -9.84 9.36
H63 SFU M . 21.78 -10.25 7.81
HM1 SFU M . 17.78 -13.69 3.77
HM2 SFU M . 19.53 -13.17 3.73
HM3 SFU M . 19.10 -14.91 4.13
C1 SFU N . 24.05 -9.36 23.04
C2 SFU N . 22.79 -8.86 23.71
C3 SFU N . 23.01 -7.50 24.40
C4 SFU N . 23.52 -6.57 23.31
C5 SFU N . 24.83 -7.10 22.71
C6 SFU N . 25.42 -6.15 21.69
O2 SFU N . 22.26 -9.72 24.71
O3 SFU N . 21.77 -7.05 24.92
O4 SFU N . 22.51 -6.42 22.33
O5 SFU N . 24.64 -8.41 22.15
CM SFU N . 26.80 -10.55 23.23
SE SFU N . 25.38 -9.88 24.41
H1 SFU N . 23.84 -10.32 22.48
H2 SFU N . 22.00 -8.73 22.92
H3 SFU N . 23.77 -7.61 25.24
HO2 SFU N . 21.93 -10.52 24.28
H4 SFU N . 23.71 -5.57 23.81
HO3 SFU N . 21.12 -7.72 24.72
H5 SFU N . 25.57 -7.29 23.53
HO4 SFU N . 22.28 -5.48 22.33
H61 SFU N . 24.87 -6.25 20.72
H62 SFU N . 26.50 -6.35 21.53
H63 SFU N . 25.31 -5.08 22.02
HM1 SFU N . 27.69 -10.80 23.85
HM2 SFU N . 27.04 -9.77 22.48
HM3 SFU N . 26.37 -11.45 22.76
C1 SFU O . 28.02 21.50 17.35
C2 SFU O . 26.50 21.72 17.28
C3 SFU O . 26.01 21.67 15.82
C4 SFU O . 26.47 20.32 15.25
C5 SFU O . 28.00 20.15 15.31
C6 SFU O . 28.47 18.85 14.69
O2 SFU O . 26.05 22.97 17.78
O3 SFU O . 24.60 21.76 15.79
O4 SFU O . 25.83 19.26 15.93
O5 SFU O . 28.46 20.32 16.68
CM SFU O . 28.72 24.42 17.92
SE SFU O . 28.99 23.05 16.55
H1 SFU O . 28.36 21.47 18.41
H2 SFU O . 26.01 20.89 17.88
H3 SFU O . 26.47 22.51 15.24
HO2 SFU O . 25.09 22.95 17.76
H4 SFU O . 26.15 20.31 14.17
HO3 SFU O . 24.37 22.45 15.16
H5 SFU O . 28.49 21.03 14.79
HO4 SFU O . 25.04 19.06 15.42
H61 SFU O . 28.23 18.01 15.38
H62 SFU O . 29.56 18.88 14.49
H63 SFU O . 27.94 18.65 13.73
HM1 SFU O . 29.31 25.33 17.64
HM2 SFU O . 27.64 24.65 18.00
HM3 SFU O . 29.12 23.98 18.85
C1 SFU P . 24.01 18.67 0.49
C2 SFU P . 22.48 18.76 0.44
C3 SFU P . 21.88 17.62 -0.41
C4 SFU P . 22.42 16.32 0.18
C5 SFU P . 23.95 16.28 0.04
C6 SFU P . 24.52 14.96 0.46
O2 SFU P . 21.99 19.95 -0.16
O3 SFU P . 20.46 17.64 -0.33
O4 SFU P . 22.02 16.20 1.54
O5 SFU P . 24.55 17.37 0.76
CM SFU P . 26.33 20.22 -0.55
SE SFU P . 24.75 19.29 -1.25
H1 SFU P . 24.41 19.39 1.24
H2 SFU P . 22.09 18.70 1.49
H3 SFU P . 22.20 17.73 -1.48
HO2 SFU P . 21.42 20.39 0.49
H4 SFU P . 21.97 15.48 -0.42
HO3 SFU P . 20.18 18.55 -0.50
H5 SFU P . 24.22 16.50 -1.04
HO4 SFU P . 21.45 15.42 1.57
H61 SFU P . 24.48 14.89 1.58
H62 SFU P . 23.98 14.11 0.00
H63 SFU P . 25.60 14.87 0.18
HM1 SFU P . 26.91 19.52 0.08
HM2 SFU P . 26.92 20.59 -1.41
HM3 SFU P . 25.92 21.05 0.05
C1 SFU Q . -27.99 5.57 24.12
C2 SFU Q . -26.69 5.03 23.50
C3 SFU Q . -26.83 4.92 21.96
C4 SFU Q . -27.16 6.33 21.47
C5 SFU Q . -28.46 6.87 22.10
C6 SFU Q . -28.78 8.27 21.63
O2 SFU Q . -26.37 3.71 23.91
O3 SFU Q . -25.62 4.48 21.37
O4 SFU Q . -26.05 7.17 21.74
O5 SFU Q . -28.42 6.80 23.55
CM SFU Q . -28.96 3.15 25.57
SE SFU Q . -29.42 4.20 23.96
H1 SFU Q . -27.83 5.70 25.22
H2 SFU Q . -25.85 5.71 23.77
H3 SFU Q . -27.66 4.21 21.70
HO2 SFU Q . -25.49 3.75 24.30
H4 SFU Q . -27.30 6.24 20.36
HO3 SFU Q . -25.07 4.11 22.08
H5 SFU Q . -29.31 6.17 21.85
HO4 SFU Q . -25.67 7.38 20.88
H61 SFU Q . -29.76 8.59 22.05
H62 SFU Q . -27.98 8.99 21.94
H63 SFU Q . -28.87 8.32 20.52
HM1 SFU Q . -29.73 2.38 25.72
HM2 SFU Q . -28.92 3.85 26.43
HM3 SFU Q . -27.97 2.72 25.33
C1 SFU R . -31.06 6.27 7.18
C2 SFU R . -29.70 6.17 6.47
C3 SFU R . -29.41 7.34 5.49
C4 SFU R . -29.77 8.69 6.15
C5 SFU R . -31.15 8.70 6.80
C6 SFU R . -31.45 10.04 7.46
O2 SFU R . -29.63 5.01 5.67
O3 SFU R . -28.04 7.36 5.15
O4 SFU R . -28.74 9.05 7.07
O5 SFU R . -31.29 7.59 7.71
CM SFU R . -33.08 3.94 6.82
SE SFU R . -32.62 5.65 6.05
H1 SFU R . -31.07 5.55 8.03
H2 SFU R . -28.89 6.11 7.25
H3 SFU R . -30.01 7.21 4.55
HO2 SFU R . -29.60 4.24 6.26
H4 SFU R . -29.78 9.44 5.30
HO3 SFU R . -27.97 7.08 4.24
H5 SFU R . -31.93 8.47 6.02
HO4 SFU R . -28.30 9.81 6.66
H61 SFU R . -31.33 10.86 6.72
H62 SFU R . -30.78 10.21 8.33
H63 SFU R . -32.51 10.09 7.83
HM1 SFU R . -33.98 3.56 6.32
HM2 SFU R . -33.24 4.07 7.90
HM3 SFU R . -32.20 3.30 6.60
C1 SFU S . -29.57 22.88 -1.51
C2 SFU S . -28.08 22.91 -1.85
C3 SFU S . -27.35 24.14 -1.27
C4 SFU S . -27.72 24.25 0.22
C5 SFU S . -29.23 24.17 0.51
C6 SFU S . -29.53 24.18 1.98
O2 SFU S . -27.80 22.89 -3.24
O3 SFU S . -25.96 23.91 -1.38
O4 SFU S . -27.02 23.24 0.92
O5 SFU S . -29.81 23.01 -0.11
CM SFU S . -29.51 25.31 -3.66
SE SFU S . -30.68 24.27 -2.45
H1 SFU S . -30.00 21.91 -1.86
H2 SFU S . -27.62 21.98 -1.41
H3 SFU S . -27.64 25.07 -1.82
HO2 SFU S . -27.96 22.01 -3.56
H4 SFU S . -27.34 25.26 0.56
HO3 SFU S . -25.84 23.28 -2.09
H5 SFU S . -29.76 25.03 -0.01
HO4 SFU S . -26.27 23.68 1.32
H61 SFU S . -29.21 23.20 2.43
H62 SFU S . -30.61 24.34 2.17
H63 SFU S . -28.96 24.98 2.51
HM1 SFU S . -30.14 26.00 -4.25
HM2 SFU S . -28.76 25.84 -3.05
HM3 SFU S . -29.04 24.54 -4.30
C1 SFU T . -17.83 35.13 25.34
C2 SFU T . -16.45 34.47 25.18
C3 SFU T . -16.40 33.10 25.91
C4 SFU T . -17.62 32.27 25.46
C5 SFU T . -18.97 32.99 25.56
C6 SFU T . -20.10 32.16 24.99
O2 SFU T . -15.39 35.23 25.76
O3 SFU T . -15.22 32.40 25.57
O4 SFU T . -17.39 31.82 24.14
O5 SFU T . -18.91 34.29 24.94
CM SFU T . -19.31 37.16 27.02
SE SFU T . -18.07 35.67 27.24
H1 SFU T . -17.85 36.09 24.77
H2 SFU T . -16.25 34.34 24.08
H3 SFU T . -16.45 33.27 27.02
HO2 SFU T . -14.87 35.61 25.03
H4 SFU T . -17.64 31.37 26.16
HO3 SFU T . -14.72 32.29 26.38
H5 SFU T . -19.18 33.24 26.65
HO4 SFU T . -17.09 30.90 24.23
H61 SFU T . -21.08 32.67 25.19
H62 SFU T . -19.96 32.02 23.89
H63 SFU T . -20.16 31.16 25.48
HM1 SFU T . -18.80 37.98 26.47
HM2 SFU T . -20.20 36.80 26.47
HM3 SFU T . -19.55 37.48 28.05
C1 SFU U . -20.63 19.65 33.36
C2 SFU U . -19.36 18.91 32.93
C3 SFU U . -19.72 17.46 32.51
C4 SFU U . -20.71 17.60 31.36
C5 SFU U . -22.00 18.26 31.88
C6 SFU U . -23.07 18.31 30.82
O2 SFU U . -18.37 18.76 33.94
O3 SFU U . -18.57 16.74 32.09
O4 SFU U . -20.14 18.34 30.30
O5 SFU U . -21.69 19.58 32.40
CM SFU U . -19.89 19.39 36.37
SE SFU U . -21.32 18.96 35.10
H1 SFU U . -20.37 20.73 33.56
H2 SFU U . -18.90 19.45 32.06
H3 SFU U . -20.19 16.92 33.37
HO2 SFU U . -17.62 19.33 33.70
H4 SFU U . -20.95 16.55 31.01
HO3 SFU U . -18.12 16.43 32.88
H5 SFU U . -22.36 17.71 32.80
HO4 SFU U . -20.02 17.70 29.58
H61 SFU U . -24.01 18.70 31.28
H62 SFU U . -23.25 17.29 30.40
H63 SFU U . -22.79 18.99 29.99
HM1 SFU U . -19.67 20.47 36.31
HM2 SFU U . -19.00 18.78 36.11
HM3 SFU U . -20.31 19.11 37.36
S SO4 V . -18.56 12.34 36.07
O1 SO4 V . -18.13 11.70 37.30
O2 SO4 V . -17.38 12.89 35.39
O3 SO4 V . -19.21 11.36 35.20
O4 SO4 V . -19.49 13.43 36.37
#